data_1ZBH
#
_entry.id   1ZBH
#
_cell.length_a   50.386
_cell.length_b   195.148
_cell.length_c   87.966
_cell.angle_alpha   90.00
_cell.angle_beta   92.13
_cell.angle_gamma   90.00
#
_symmetry.space_group_name_H-M   'P 1 21 1'
#
loop_
_entity.id
_entity.type
_entity.pdbx_description
1 polymer "5'-R(*CP*CP*GP*GP*CP*UP*CP*UP*UP*UP*UP*CP*AP*GP*AP*GP*CP*CP*GP*G)-3'"
2 polymer "3'-5' exonuclease ERI1"
3 non-polymer 'MAGNESIUM ION'
4 non-polymer 'ADENOSINE MONOPHOSPHATE'
5 water water
#
loop_
_entity_poly.entity_id
_entity_poly.type
_entity_poly.pdbx_seq_one_letter_code
_entity_poly.pdbx_strand_id
1 'polyribonucleotide' CCGGCUCUUUUCAGAGCCGG F,E
2 'polypeptide(L)'
;SKFITSSASDFSDPVYKEIAITNGCINRMSKEELRAKLSEFKLETRGVKDVLKKRLKNYYKKQKLMLKESNFADSYYDYI
CIIDFEATCEEGNPPEFVHEIIEFPVVLLNTHTLEIEDTFQQYVRPEINTQLSDFCISLTGITQDQVDRADTFPQVLKKV
IDLMKLKELGTKYKYSLLTDGSWDMSKFLNIQCQLSRLKYPPFAKKWINIRKSYGNFYKVPRSQTKLTIMLEKLGMDYDG
RPNCGLDDSKNIARIAVRMLQDGCELRINEKMHAGQLMSVSSSLPIEGTPPPQMPHFRK
;
A,B,C,D
#
# COMPACT_ATOMS: atom_id res chain seq x y z
N ASP C 10 -13.02 23.49 3.66
CA ASP C 10 -14.44 23.92 3.82
C ASP C 10 -15.19 23.12 4.89
N PHE C 11 -14.77 21.88 5.12
CA PHE C 11 -15.35 20.97 6.13
C PHE C 11 -16.82 20.55 5.90
N SER C 12 -17.47 21.17 4.92
CA SER C 12 -18.90 20.94 4.66
C SER C 12 -19.22 19.64 3.91
N ASP C 13 -18.18 18.86 3.61
CA ASP C 13 -18.32 17.58 2.94
C ASP C 13 -19.05 16.57 3.84
N PRO C 14 -19.87 15.68 3.23
CA PRO C 14 -20.64 14.66 3.97
C PRO C 14 -19.81 13.74 4.88
N VAL C 15 -18.55 13.52 4.54
CA VAL C 15 -17.66 12.62 5.28
C VAL C 15 -17.38 13.14 6.70
N TYR C 16 -17.28 14.46 6.84
CA TYR C 16 -16.96 15.10 8.12
C TYR C 16 -18.01 14.91 9.21
N LYS C 17 -19.28 14.79 8.81
CA LYS C 17 -20.37 14.48 9.75
C LYS C 17 -20.34 13.02 10.21
N GLU C 18 -19.73 12.17 9.38
CA GLU C 18 -19.57 10.75 9.70
C GLU C 18 -18.45 10.55 10.72
N ILE C 19 -17.44 11.43 10.68
CA ILE C 19 -16.31 11.37 11.61
C ILE C 19 -16.71 11.84 13.02
N ALA C 20 -17.61 12.82 13.09
CA ALA C 20 -18.07 13.39 14.36
C ALA C 20 -18.83 12.37 15.22
N ILE C 21 -19.67 11.55 14.58
CA ILE C 21 -20.38 10.45 15.25
C ILE C 21 -19.38 9.40 15.73
N THR C 22 -18.36 9.12 14.89
CA THR C 22 -17.28 8.20 15.23
C THR C 22 -16.43 8.74 16.39
N ASN C 23 -16.13 10.04 16.35
CA ASN C 23 -15.38 10.71 17.41
C ASN C 23 -16.12 10.65 18.75
N GLY C 24 -17.42 10.90 18.71
CA GLY C 24 -18.28 10.79 19.89
C GLY C 24 -18.38 9.36 20.39
N CYS C 25 -18.36 8.42 19.46
CA CYS C 25 -18.37 6.99 19.76
C CYS C 25 -17.09 6.57 20.50
N ILE C 26 -15.96 7.17 20.13
CA ILE C 26 -14.66 6.90 20.75
C ILE C 26 -14.48 7.71 22.05
N ASN C 27 -15.18 8.85 22.16
CA ASN C 27 -15.16 9.65 23.39
C ASN C 27 -15.91 8.99 24.55
N ARG C 28 -16.75 8.00 24.24
CA ARG C 28 -17.48 7.22 25.24
C ARG C 28 -16.78 5.92 25.61
N MET C 29 -15.84 5.49 24.79
CA MET C 29 -15.11 4.23 24.99
C MET C 29 -14.26 4.26 26.27
N SER C 30 -14.34 3.18 27.05
CA SER C 30 -13.60 3.07 28.30
C SER C 30 -12.12 2.75 28.06
N LYS C 31 -11.29 2.98 29.08
CA LYS C 31 -9.85 2.75 29.01
C LYS C 31 -9.50 1.29 28.71
N GLU C 32 -10.44 0.39 29.01
CA GLU C 32 -10.34 -1.03 28.69
C GLU C 32 -10.69 -1.28 27.23
N GLU C 33 -11.73 -0.61 26.75
CA GLU C 33 -12.21 -0.74 25.37
C GLU C 33 -11.24 -0.16 24.35
N LEU C 34 -10.48 0.85 24.78
CA LEU C 34 -9.50 1.52 23.91
C LEU C 34 -8.29 0.63 23.65
N ARG C 35 -7.62 0.19 24.71
CA ARG C 35 -6.46 -0.70 24.61
C ARG C 35 -6.76 -1.99 23.83
N ALA C 36 -8.01 -2.44 23.88
CA ALA C 36 -8.43 -3.64 23.16
C ALA C 36 -8.56 -3.37 21.66
N LYS C 37 -9.32 -2.34 21.31
CA LYS C 37 -9.57 -1.98 19.90
C LYS C 37 -8.30 -1.50 19.20
N LEU C 38 -7.46 -0.78 19.93
CA LEU C 38 -6.20 -0.24 19.42
C LEU C 38 -5.16 -1.32 19.13
N SER C 39 -5.20 -2.40 19.93
CA SER C 39 -4.33 -3.55 19.73
C SER C 39 -4.75 -4.36 18.51
N GLU C 40 -6.05 -4.36 18.23
CA GLU C 40 -6.62 -5.07 17.09
C GLU C 40 -6.13 -4.46 15.76
N PHE C 41 -5.92 -3.15 15.75
CA PHE C 41 -5.35 -2.46 14.59
C PHE C 41 -3.82 -2.44 14.62
N LYS C 42 -3.24 -3.21 15.55
CA LYS C 42 -1.78 -3.34 15.73
C LYS C 42 -1.09 -2.00 16.02
N LEU C 43 -1.84 -1.07 16.64
CA LEU C 43 -1.31 0.22 17.04
C LEU C 43 -0.83 0.20 18.49
N GLU C 44 0.17 1.03 18.79
CA GLU C 44 0.78 1.08 20.13
C GLU C 44 -0.27 1.47 21.18
N THR C 45 -0.37 0.65 22.23
CA THR C 45 -1.46 0.75 23.20
C THR C 45 -1.12 1.47 24.51
N ARG C 46 0.16 1.67 24.78
CA ARG C 46 0.60 2.34 26.01
C ARG C 46 0.15 3.80 26.07
N GLY C 47 -0.08 4.30 27.27
CA GLY C 47 -0.44 5.70 27.48
C GLY C 47 -1.52 5.95 28.52
N VAL C 48 -2.23 7.06 28.36
CA VAL C 48 -3.26 7.50 29.30
C VAL C 48 -4.57 7.80 28.56
N LYS C 49 -5.69 7.63 29.27
CA LYS C 49 -7.05 7.88 28.78
C LYS C 49 -7.18 8.74 27.51
N ASP C 50 -6.67 9.97 27.59
CA ASP C 50 -6.82 10.94 26.50
C ASP C 50 -5.94 10.63 25.28
N VAL C 51 -4.71 10.20 25.53
CA VAL C 51 -3.76 9.87 24.48
C VAL C 51 -4.28 8.73 23.61
N LEU C 52 -4.78 7.67 24.25
CA LEU C 52 -5.42 6.55 23.55
C LEU C 52 -6.66 7.00 22.79
N LYS C 53 -7.40 7.93 23.38
CA LYS C 53 -8.64 8.46 22.80
C LYS C 53 -8.38 9.17 21.47
N LYS C 54 -7.41 10.09 21.47
CA LYS C 54 -7.07 10.87 20.28
C LYS C 54 -6.41 10.01 19.19
N ARG C 55 -5.61 9.04 19.62
CA ARG C 55 -4.91 8.11 18.71
C ARG C 55 -5.89 7.29 17.86
N LEU C 56 -6.92 6.76 18.51
CA LEU C 56 -7.94 5.95 17.84
C LEU C 56 -8.81 6.82 16.95
N LYS C 57 -9.13 8.02 17.43
CA LYS C 57 -9.92 9.00 16.68
C LYS C 57 -9.25 9.38 15.36
N ASN C 58 -7.92 9.50 15.37
CA ASN C 58 -7.15 9.83 14.18
C ASN C 58 -7.07 8.71 13.16
N TYR C 59 -7.08 7.46 13.62
CA TYR C 59 -7.06 6.32 12.72
C TYR C 59 -8.35 6.21 11.92
N TYR C 60 -9.49 6.39 12.58
CA TYR C 60 -10.80 6.40 11.91
C TYR C 60 -10.95 7.61 10.97
N LYS C 61 -10.16 8.65 11.23
CA LYS C 61 -10.12 9.82 10.36
C LYS C 61 -9.20 9.59 9.17
N LYS C 62 -8.06 8.93 9.41
CA LYS C 62 -7.11 8.58 8.35
C LYS C 62 -7.58 7.40 7.51
N GLN C 63 -8.65 6.73 7.94
CA GLN C 63 -9.22 5.61 7.18
C GLN C 63 -10.42 6.03 6.34
N LYS C 64 -11.32 6.81 6.92
CA LYS C 64 -12.53 7.25 6.23
C LYS C 64 -12.28 8.34 5.19
N LEU C 65 -11.26 9.17 5.42
CA LEU C 65 -10.85 10.18 4.45
C LEU C 65 -9.96 9.60 3.37
N MET C 66 -9.27 8.51 3.69
CA MET C 66 -8.42 7.80 2.73
C MET C 66 -9.28 6.93 1.80
N LEU C 67 -10.29 6.28 2.38
CA LEU C 67 -11.21 5.43 1.62
C LEU C 67 -12.09 6.27 0.69
N LYS C 68 -12.51 7.44 1.17
CA LYS C 68 -13.34 8.36 0.39
C LYS C 68 -12.53 9.18 -0.63
N GLU C 69 -11.22 9.26 -0.42
CA GLU C 69 -10.33 9.91 -1.38
C GLU C 69 -10.22 9.06 -2.64
N SER C 70 -9.98 7.76 -2.44
CA SER C 70 -9.88 6.79 -3.53
C SER C 70 -11.25 6.29 -4.03
N ASN C 71 -12.32 6.70 -3.37
CA ASN C 71 -13.69 6.46 -3.86
C ASN C 71 -14.00 7.31 -5.07
N PHE C 72 -13.51 8.55 -5.05
CA PHE C 72 -13.65 9.47 -6.19
C PHE C 72 -12.46 9.35 -7.15
N ALA C 73 -11.34 8.87 -6.63
CA ALA C 73 -10.16 8.57 -7.47
C ALA C 73 -10.38 7.32 -8.34
N ASP C 74 -11.17 6.37 -7.84
CA ASP C 74 -11.59 5.21 -8.63
C ASP C 74 -12.76 5.60 -9.53
N SER C 75 -12.44 6.33 -10.60
CA SER C 75 -13.42 6.79 -11.57
C SER C 75 -13.47 5.83 -12.78
N TYR C 76 -12.77 4.71 -12.66
CA TYR C 76 -12.75 3.69 -13.70
C TYR C 76 -14.05 2.89 -13.67
N TYR C 77 -14.34 2.18 -14.77
CA TYR C 77 -15.49 1.28 -14.82
C TYR C 77 -15.44 0.25 -13.69
N ASP C 78 -16.61 -0.27 -13.33
CA ASP C 78 -16.70 -1.34 -12.36
C ASP C 78 -16.90 -2.64 -13.12
N TYR C 79 -17.62 -2.57 -14.23
CA TYR C 79 -17.86 -3.72 -15.08
C TYR C 79 -17.44 -3.49 -16.53
N ILE C 80 -16.78 -4.50 -17.09
CA ILE C 80 -16.59 -4.56 -18.52
C ILE C 80 -17.52 -5.65 -19.05
N CYS C 81 -18.36 -5.27 -20.00
CA CYS C 81 -19.40 -6.14 -20.51
C CYS C 81 -19.01 -6.68 -21.89
N ILE C 82 -18.62 -7.95 -21.94
CA ILE C 82 -18.01 -8.54 -23.13
C ILE C 82 -19.00 -9.35 -23.98
N ILE C 83 -19.26 -8.84 -25.18
CA ILE C 83 -20.18 -9.49 -26.11
C ILE C 83 -19.47 -9.87 -27.40
N ASP C 84 -19.67 -11.12 -27.84
CA ASP C 84 -19.11 -11.54 -29.13
C ASP C 84 -20.13 -12.26 -29.99
N PHE C 85 -20.81 -11.50 -30.85
CA PHE C 85 -21.85 -12.04 -31.72
C PHE C 85 -21.29 -13.08 -32.67
N GLU C 86 -22.11 -14.09 -32.94
CA GLU C 86 -21.96 -14.92 -34.11
C GLU C 86 -23.12 -14.60 -35.02
N ALA C 87 -22.87 -14.64 -36.33
CA ALA C 87 -23.89 -14.30 -37.31
C ALA C 87 -23.81 -15.25 -38.51
N THR C 88 -24.92 -15.34 -39.25
CA THR C 88 -24.99 -16.14 -40.48
C THR C 88 -23.92 -15.71 -41.47
N CYS C 89 -23.35 -16.68 -42.18
CA CYS C 89 -22.30 -16.41 -43.18
C CYS C 89 -22.20 -17.54 -44.19
N GLU C 90 -21.63 -17.24 -45.36
CA GLU C 90 -21.34 -18.25 -46.37
C GLU C 90 -19.84 -18.41 -46.59
N GLU C 91 -19.46 -19.53 -47.18
CA GLU C 91 -18.07 -19.80 -47.55
C GLU C 91 -17.50 -18.66 -48.39
N GLY C 92 -16.30 -18.21 -48.03
CA GLY C 92 -15.60 -17.19 -48.80
C GLY C 92 -16.09 -15.78 -48.57
N ASN C 93 -16.97 -15.60 -47.59
CA ASN C 93 -17.48 -14.29 -47.18
C ASN C 93 -17.99 -13.43 -48.35
N PRO C 94 -19.12 -13.82 -49.00
CA PRO C 94 -19.61 -13.06 -50.15
C PRO C 94 -20.10 -11.67 -49.76
N PRO C 95 -19.81 -10.65 -50.60
CA PRO C 95 -19.97 -9.24 -50.24
C PRO C 95 -21.39 -8.80 -49.89
N GLU C 96 -22.38 -9.26 -50.66
CA GLU C 96 -23.74 -8.75 -50.51
C GLU C 96 -24.69 -9.63 -49.69
N PHE C 97 -24.11 -10.55 -48.92
CA PHE C 97 -24.89 -11.43 -48.05
C PHE C 97 -25.36 -10.67 -46.83
N VAL C 98 -26.67 -10.70 -46.60
CA VAL C 98 -27.27 -10.01 -45.46
C VAL C 98 -27.06 -10.82 -44.17
N HIS C 99 -26.22 -10.26 -43.28
CA HIS C 99 -25.86 -10.92 -42.03
C HIS C 99 -26.97 -10.82 -40.99
N GLU C 100 -27.13 -11.88 -40.21
CA GLU C 100 -28.06 -11.88 -39.10
C GLU C 100 -27.41 -12.53 -37.89
N ILE C 101 -27.57 -11.89 -36.72
CA ILE C 101 -27.01 -12.39 -35.47
C ILE C 101 -27.69 -13.71 -35.08
N ILE C 102 -26.89 -14.74 -34.82
CA ILE C 102 -27.42 -16.07 -34.46
C ILE C 102 -27.00 -16.51 -33.05
N GLU C 103 -26.06 -15.78 -32.45
CA GLU C 103 -25.70 -16.01 -31.05
C GLU C 103 -25.40 -14.69 -30.33
N PHE C 104 -26.09 -14.48 -29.21
CA PHE C 104 -25.90 -13.31 -28.37
C PHE C 104 -25.31 -13.74 -27.03
N PRO C 105 -23.97 -13.75 -26.92
CA PRO C 105 -23.31 -14.10 -25.68
C PRO C 105 -22.84 -12.88 -24.89
N VAL C 106 -23.08 -12.91 -23.58
CA VAL C 106 -22.62 -11.84 -22.69
C VAL C 106 -21.76 -12.41 -21.57
N VAL C 107 -20.53 -11.93 -21.48
CA VAL C 107 -19.64 -12.22 -20.36
C VAL C 107 -19.41 -10.92 -19.58
N LEU C 108 -19.91 -10.90 -18.35
CA LEU C 108 -19.80 -9.71 -17.51
C LEU C 108 -18.63 -9.82 -16.55
N LEU C 109 -17.65 -8.96 -16.74
CA LEU C 109 -16.41 -8.98 -15.96
C LEU C 109 -16.35 -7.86 -14.92
N ASN C 110 -16.20 -8.25 -13.66
CA ASN C 110 -15.97 -7.31 -12.56
C ASN C 110 -14.52 -6.87 -12.61
N THR C 111 -14.30 -5.57 -12.78
CA THR C 111 -12.94 -5.03 -12.95
C THR C 111 -12.14 -5.02 -11.66
N HIS C 112 -12.83 -4.88 -10.53
CA HIS C 112 -12.20 -4.87 -9.21
C HIS C 112 -11.68 -6.25 -8.84
N THR C 113 -12.58 -7.24 -8.85
CA THR C 113 -12.25 -8.60 -8.43
C THR C 113 -11.60 -9.41 -9.55
N LEU C 114 -11.74 -8.92 -10.78
CA LEU C 114 -11.20 -9.59 -11.98
C LEU C 114 -11.82 -10.97 -12.21
N GLU C 115 -12.96 -11.22 -11.54
CA GLU C 115 -13.72 -12.43 -11.75
C GLU C 115 -14.93 -12.20 -12.65
N ILE C 116 -15.25 -13.20 -13.46
CA ILE C 116 -16.45 -13.18 -14.30
C ILE C 116 -17.66 -13.42 -13.41
N GLU C 117 -18.51 -12.40 -13.28
CA GLU C 117 -19.69 -12.49 -12.43
C GLU C 117 -20.89 -13.10 -13.15
N ASP C 118 -20.91 -12.96 -14.47
CA ASP C 118 -22.03 -13.43 -15.28
C ASP C 118 -21.63 -13.92 -16.66
N THR C 119 -22.08 -15.13 -16.99
CA THR C 119 -22.00 -15.63 -18.37
C THR C 119 -23.40 -15.97 -18.84
N PHE C 120 -23.80 -15.37 -19.96
CA PHE C 120 -25.15 -15.50 -20.45
C PHE C 120 -25.12 -15.76 -21.95
N GLN C 121 -25.78 -16.83 -22.38
CA GLN C 121 -25.83 -17.18 -23.79
C GLN C 121 -27.26 -17.39 -24.26
N GLN C 122 -27.65 -16.62 -25.26
CA GLN C 122 -28.93 -16.80 -25.94
C GLN C 122 -28.66 -17.02 -27.42
N TYR C 123 -29.40 -17.94 -28.03
CA TYR C 123 -29.37 -18.10 -29.47
C TYR C 123 -30.47 -17.25 -30.11
N VAL C 124 -30.27 -16.87 -31.36
CA VAL C 124 -31.20 -16.01 -32.07
C VAL C 124 -31.67 -16.67 -33.36
N ARG C 125 -32.98 -16.58 -33.63
CA ARG C 125 -33.56 -17.12 -34.86
C ARG C 125 -33.56 -16.08 -35.98
N PRO C 126 -32.81 -16.34 -37.06
CA PRO C 126 -32.76 -15.43 -38.20
C PRO C 126 -34.03 -15.54 -39.04
N GLU C 127 -34.46 -14.42 -39.61
CA GLU C 127 -35.72 -14.35 -40.37
C GLU C 127 -35.56 -13.97 -41.84
N ILE C 128 -34.33 -13.62 -42.25
CA ILE C 128 -34.06 -13.36 -43.66
C ILE C 128 -33.51 -14.62 -44.28
N ASN C 129 -32.28 -14.97 -43.91
CA ASN C 129 -31.69 -16.25 -44.31
C ASN C 129 -31.85 -17.25 -43.17
N THR C 130 -33.08 -17.73 -43.01
CA THR C 130 -33.47 -18.59 -41.90
C THR C 130 -32.70 -19.92 -41.85
N GLN C 131 -32.39 -20.47 -43.02
CA GLN C 131 -31.60 -21.70 -43.12
C GLN C 131 -30.10 -21.40 -43.08
N LEU C 132 -29.42 -22.01 -42.12
CA LEU C 132 -27.98 -21.79 -41.92
C LEU C 132 -27.14 -22.43 -43.01
N SER C 133 -26.00 -21.79 -43.30
CA SER C 133 -25.06 -22.31 -44.27
C SER C 133 -24.28 -23.51 -43.73
N ASP C 134 -23.89 -24.39 -44.64
CA ASP C 134 -23.02 -25.52 -44.35
C ASP C 134 -21.71 -25.03 -43.73
N PHE C 135 -21.10 -24.03 -44.37
CA PHE C 135 -19.89 -23.38 -43.88
C PHE C 135 -20.12 -22.74 -42.52
N CYS C 136 -21.24 -22.04 -42.40
CA CYS C 136 -21.60 -21.33 -41.17
C CYS C 136 -21.69 -22.25 -39.95
N ILE C 137 -22.39 -23.38 -40.11
CA ILE C 137 -22.52 -24.37 -39.04
C ILE C 137 -21.17 -25.00 -38.72
N SER C 138 -20.36 -25.18 -39.76
CA SER C 138 -19.01 -25.74 -39.61
C SER C 138 -18.09 -24.79 -38.82
N LEU C 139 -18.25 -23.48 -39.04
CA LEU C 139 -17.43 -22.48 -38.39
C LEU C 139 -17.86 -22.26 -36.95
N THR C 140 -19.08 -21.75 -36.78
CA THR C 140 -19.63 -21.35 -35.49
C THR C 140 -19.91 -22.52 -34.55
N GLY C 141 -20.19 -23.68 -35.13
CA GLY C 141 -20.59 -24.87 -34.36
C GLY C 141 -21.99 -24.71 -33.81
N ILE C 142 -22.86 -24.07 -34.59
CA ILE C 142 -24.27 -23.89 -34.21
C ILE C 142 -25.15 -24.61 -35.23
N THR C 143 -25.84 -25.66 -34.75
CA THR C 143 -26.72 -26.46 -35.59
C THR C 143 -28.00 -25.70 -35.95
N GLN C 144 -28.65 -26.13 -37.03
CA GLN C 144 -29.93 -25.58 -37.45
C GLN C 144 -30.96 -25.65 -36.33
N ASP C 145 -31.02 -26.79 -35.64
CA ASP C 145 -31.98 -27.02 -34.55
C ASP C 145 -31.89 -25.99 -33.44
N GLN C 146 -30.68 -25.52 -33.17
CA GLN C 146 -30.44 -24.50 -32.16
C GLN C 146 -31.09 -23.16 -32.50
N VAL C 147 -30.96 -22.73 -33.75
CA VAL C 147 -31.55 -21.47 -34.20
C VAL C 147 -33.07 -21.59 -34.40
N ASP C 148 -33.52 -22.76 -34.87
CA ASP C 148 -34.95 -23.01 -35.09
C ASP C 148 -35.74 -22.85 -33.80
N ARG C 149 -35.17 -23.34 -32.70
CA ARG C 149 -35.81 -23.30 -31.38
C ARG C 149 -35.52 -21.99 -30.65
N ALA C 150 -34.73 -21.11 -31.26
CA ALA C 150 -34.34 -19.84 -30.64
C ALA C 150 -35.38 -18.74 -30.81
N ASP C 151 -35.27 -17.71 -29.97
CA ASP C 151 -36.16 -16.55 -30.03
C ASP C 151 -35.67 -15.53 -31.04
N THR C 152 -36.53 -14.56 -31.36
CA THR C 152 -36.18 -13.46 -32.29
C THR C 152 -35.23 -12.49 -31.61
N PHE C 153 -34.51 -11.70 -32.41
CA PHE C 153 -33.49 -10.79 -31.88
C PHE C 153 -33.97 -9.79 -30.82
N PRO C 154 -35.14 -9.14 -31.03
CA PRO C 154 -35.59 -8.18 -30.02
C PRO C 154 -35.87 -8.83 -28.66
N GLN C 155 -36.50 -10.00 -28.65
CA GLN C 155 -36.75 -10.77 -27.43
C GLN C 155 -35.44 -11.12 -26.73
N VAL C 156 -34.40 -11.39 -27.53
CA VAL C 156 -33.09 -11.75 -27.02
C VAL C 156 -32.39 -10.52 -26.45
N LEU C 157 -32.45 -9.42 -27.19
CA LEU C 157 -31.87 -8.16 -26.73
C LEU C 157 -32.52 -7.69 -25.42
N LYS C 158 -33.84 -7.85 -25.32
CA LYS C 158 -34.58 -7.52 -24.11
C LYS C 158 -34.02 -8.28 -22.91
N LYS C 159 -33.90 -9.61 -23.07
CA LYS C 159 -33.35 -10.50 -22.04
C LYS C 159 -31.92 -10.12 -21.66
N VAL C 160 -31.13 -9.67 -22.63
CA VAL C 160 -29.77 -9.22 -22.36
C VAL C 160 -29.80 -7.91 -21.57
N ILE C 161 -30.71 -7.01 -21.92
CA ILE C 161 -30.88 -5.75 -21.19
C ILE C 161 -31.40 -5.98 -19.78
N ASP C 162 -32.29 -6.97 -19.61
CA ASP C 162 -32.82 -7.33 -18.28
C ASP C 162 -31.72 -7.77 -17.34
N LEU C 163 -30.76 -8.52 -17.88
CA LEU C 163 -29.61 -9.00 -17.11
C LEU C 163 -28.71 -7.84 -16.69
N MET C 164 -28.59 -6.85 -17.58
CA MET C 164 -27.77 -5.67 -17.35
C MET C 164 -28.39 -4.73 -16.33
N LYS C 165 -29.72 -4.64 -16.35
CA LYS C 165 -30.47 -3.84 -15.40
C LYS C 165 -30.42 -4.50 -14.03
N LEU C 166 -30.44 -5.83 -14.04
CA LEU C 166 -30.43 -6.63 -12.82
C LEU C 166 -29.09 -6.54 -12.09
N LYS C 167 -28.03 -6.36 -12.86
CA LYS C 167 -26.69 -6.18 -12.31
C LYS C 167 -26.39 -4.70 -12.08
N GLU C 168 -27.34 -3.88 -12.50
CA GLU C 168 -27.35 -2.42 -12.27
C GLU C 168 -26.20 -1.69 -12.96
N LEU C 169 -25.97 -2.06 -14.21
CA LEU C 169 -24.97 -1.40 -15.05
C LEU C 169 -25.54 -0.06 -15.52
N GLY C 170 -24.76 1.00 -15.35
CA GLY C 170 -25.16 2.33 -15.77
C GLY C 170 -25.95 3.11 -14.73
N THR C 171 -26.45 2.41 -13.70
CA THR C 171 -27.18 3.07 -12.62
C THR C 171 -26.33 3.13 -11.37
N LYS C 172 -25.91 1.96 -10.88
CA LYS C 172 -25.07 1.86 -9.68
C LYS C 172 -23.61 1.65 -10.04
N TYR C 173 -23.37 0.97 -11.16
CA TYR C 173 -22.01 0.63 -11.56
C TYR C 173 -21.62 1.22 -12.92
N LYS C 174 -20.42 1.80 -12.96
CA LYS C 174 -19.84 2.29 -14.19
C LYS C 174 -19.43 1.09 -15.04
N TYR C 175 -19.72 1.15 -16.33
CA TYR C 175 -19.47 0.01 -17.21
C TYR C 175 -19.28 0.41 -18.67
N SER C 176 -18.64 -0.49 -19.41
CA SER C 176 -18.47 -0.35 -20.86
C SER C 176 -18.57 -1.71 -21.51
N LEU C 177 -19.08 -1.73 -22.75
CA LEU C 177 -19.03 -2.94 -23.57
C LEU C 177 -17.62 -3.11 -24.15
N LEU C 178 -17.23 -4.36 -24.38
CA LEU C 178 -15.93 -4.68 -24.98
C LEU C 178 -16.09 -5.81 -25.98
N THR C 179 -15.47 -5.66 -27.15
CA THR C 179 -15.57 -6.66 -28.23
C THR C 179 -14.23 -6.88 -28.91
N ASP C 180 -14.04 -8.07 -29.48
CA ASP C 180 -12.86 -8.33 -30.31
C ASP C 180 -13.07 -7.79 -31.72
N GLY C 181 -12.48 -6.62 -31.99
CA GLY C 181 -12.71 -5.93 -33.25
C GLY C 181 -13.86 -4.95 -33.16
N SER C 182 -14.17 -4.32 -34.29
CA SER C 182 -15.28 -3.37 -34.36
C SER C 182 -16.54 -3.98 -34.97
N TRP C 183 -16.35 -5.04 -35.76
CA TRP C 183 -17.43 -5.79 -36.38
C TRP C 183 -18.71 -5.93 -35.52
N ASP C 184 -18.55 -6.44 -34.31
CA ASP C 184 -19.70 -6.77 -33.45
C ASP C 184 -20.79 -5.70 -33.44
N MET C 185 -20.42 -4.49 -33.02
CA MET C 185 -21.36 -3.38 -32.97
C MET C 185 -21.55 -2.70 -34.34
N SER C 186 -20.44 -2.27 -34.95
CA SER C 186 -20.47 -1.47 -36.17
C SER C 186 -21.02 -2.17 -37.41
N LYS C 187 -21.01 -3.51 -37.40
CA LYS C 187 -21.48 -4.31 -38.53
C LYS C 187 -22.68 -5.17 -38.14
N PHE C 188 -22.47 -6.13 -37.25
CA PHE C 188 -23.51 -7.13 -36.93
C PHE C 188 -24.75 -6.56 -36.26
N LEU C 189 -24.54 -5.84 -35.15
CA LEU C 189 -25.64 -5.22 -34.43
C LEU C 189 -26.30 -4.14 -35.29
N ASN C 190 -25.46 -3.36 -35.97
CA ASN C 190 -25.91 -2.31 -36.88
C ASN C 190 -26.88 -2.86 -37.94
N ILE C 191 -26.49 -3.94 -38.60
CA ILE C 191 -27.32 -4.57 -39.62
C ILE C 191 -28.58 -5.18 -39.00
N GLN C 192 -28.42 -5.74 -37.80
CA GLN C 192 -29.52 -6.43 -37.13
C GLN C 192 -30.63 -5.47 -36.71
N CYS C 193 -30.26 -4.34 -36.11
CA CYS C 193 -31.24 -3.34 -35.67
C CYS C 193 -32.03 -2.80 -36.84
N GLN C 194 -31.35 -2.59 -37.97
CA GLN C 194 -32.01 -2.24 -39.22
C GLN C 194 -33.05 -3.30 -39.58
N LEU C 195 -32.60 -4.55 -39.67
CA LEU C 195 -33.46 -5.68 -40.03
C LEU C 195 -34.64 -5.87 -39.08
N SER C 196 -34.38 -5.77 -37.78
CA SER C 196 -35.42 -5.92 -36.76
C SER C 196 -36.29 -4.68 -36.64
N ARG C 197 -35.92 -3.63 -37.39
CA ARG C 197 -36.63 -2.35 -37.39
C ARG C 197 -36.63 -1.72 -35.99
N LEU C 198 -35.54 -1.97 -35.27
CA LEU C 198 -35.28 -1.37 -33.98
C LEU C 198 -34.35 -0.17 -34.12
N LYS C 199 -34.61 0.87 -33.34
CA LYS C 199 -33.71 1.99 -33.22
C LYS C 199 -32.44 1.47 -32.54
N TYR C 200 -31.28 1.81 -33.09
CA TYR C 200 -30.01 1.35 -32.53
C TYR C 200 -29.84 1.85 -31.10
N PRO C 201 -29.63 0.92 -30.14
CA PRO C 201 -29.62 1.25 -28.71
C PRO C 201 -28.43 2.13 -28.31
N PRO C 202 -28.69 3.33 -27.77
CA PRO C 202 -27.64 4.25 -27.34
C PRO C 202 -26.58 3.62 -26.43
N PHE C 203 -26.96 2.63 -25.62
CA PHE C 203 -26.01 1.97 -24.73
C PHE C 203 -24.91 1.20 -25.50
N ALA C 204 -25.16 0.93 -26.77
CA ALA C 204 -24.19 0.23 -27.61
C ALA C 204 -23.53 1.16 -28.64
N LYS C 205 -23.76 2.46 -28.49
CA LYS C 205 -23.24 3.44 -29.44
C LYS C 205 -21.73 3.66 -29.31
N LYS C 206 -21.14 3.20 -28.21
CA LYS C 206 -19.70 3.26 -28.03
C LYS C 206 -19.22 2.04 -27.25
N TRP C 207 -17.96 1.65 -27.47
CA TRP C 207 -17.43 0.41 -26.88
C TRP C 207 -15.91 0.39 -26.81
N ILE C 208 -15.36 -0.66 -26.18
CA ILE C 208 -13.92 -0.90 -26.21
C ILE C 208 -13.60 -1.96 -27.28
N ASN C 209 -12.81 -1.55 -28.26
CA ASN C 209 -12.20 -2.50 -29.18
C ASN C 209 -10.89 -2.93 -28.55
N ILE C 210 -10.83 -4.19 -28.15
CA ILE C 210 -9.68 -4.71 -27.42
C ILE C 210 -8.46 -4.92 -28.33
N ARG C 211 -8.69 -4.97 -29.63
CA ARG C 211 -7.59 -5.05 -30.61
C ARG C 211 -6.78 -3.77 -30.68
N LYS C 212 -7.49 -2.64 -30.67
CA LYS C 212 -6.86 -1.33 -30.58
C LYS C 212 -6.18 -1.17 -29.21
N SER C 213 -6.85 -1.68 -28.17
CA SER C 213 -6.35 -1.60 -26.80
C SER C 213 -5.12 -2.45 -26.57
N TYR C 214 -5.12 -3.65 -27.15
CA TYR C 214 -3.98 -4.58 -27.07
C TYR C 214 -2.79 -4.02 -27.86
N GLY C 215 -3.04 -3.63 -29.11
CA GLY C 215 -2.02 -3.12 -30.01
C GLY C 215 -1.29 -1.91 -29.46
N ASN C 216 -2.04 -1.00 -28.82
CA ASN C 216 -1.47 0.19 -28.22
C ASN C 216 -0.70 -0.08 -26.94
N PHE C 217 -1.25 -0.98 -26.11
CA PHE C 217 -0.67 -1.29 -24.81
C PHE C 217 0.58 -2.17 -24.92
N TYR C 218 0.52 -3.22 -25.74
CA TYR C 218 1.65 -4.15 -25.87
C TYR C 218 2.56 -3.88 -27.08
N LYS C 219 2.23 -2.83 -27.85
CA LYS C 219 3.03 -2.41 -29.01
C LYS C 219 3.17 -3.51 -30.08
N VAL C 220 2.04 -3.90 -30.64
CA VAL C 220 1.99 -4.92 -31.71
C VAL C 220 1.15 -4.44 -32.90
N PRO C 221 1.55 -4.83 -34.14
CA PRO C 221 0.77 -4.49 -35.34
C PRO C 221 -0.64 -5.08 -35.34
N ARG C 222 -1.54 -4.48 -36.11
CA ARG C 222 -2.94 -4.92 -36.20
C ARG C 222 -3.08 -6.33 -36.74
N SER C 223 -2.14 -6.72 -37.60
CA SER C 223 -2.08 -8.08 -38.15
C SER C 223 -1.88 -9.12 -37.05
N GLN C 224 -1.26 -8.69 -35.95
CA GLN C 224 -0.97 -9.58 -34.83
C GLN C 224 -2.10 -9.63 -33.81
N THR C 225 -3.12 -8.79 -33.99
CA THR C 225 -4.17 -8.61 -32.98
C THR C 225 -5.38 -9.55 -33.14
N LYS C 226 -5.20 -10.70 -33.77
CA LYS C 226 -6.25 -11.71 -33.84
C LYS C 226 -6.41 -12.38 -32.47
N LEU C 227 -7.60 -12.92 -32.22
CA LEU C 227 -7.92 -13.53 -30.92
C LEU C 227 -6.93 -14.62 -30.49
N THR C 228 -6.65 -15.57 -31.39
CA THR C 228 -5.74 -16.68 -31.06
C THR C 228 -4.30 -16.22 -30.89
N ILE C 229 -3.93 -15.15 -31.60
CA ILE C 229 -2.56 -14.62 -31.51
C ILE C 229 -2.38 -13.79 -30.24
N MET C 230 -3.39 -12.98 -29.89
CA MET C 230 -3.36 -12.20 -28.65
C MET C 230 -3.17 -13.11 -27.44
N LEU C 231 -3.91 -14.22 -27.44
CA LEU C 231 -3.78 -15.24 -26.40
C LEU C 231 -2.36 -15.81 -26.37
N GLU C 232 -1.88 -16.25 -27.53
CA GLU C 232 -0.56 -16.86 -27.65
C GLU C 232 0.54 -15.93 -27.13
N LYS C 233 0.49 -14.67 -27.53
CA LYS C 233 1.47 -13.66 -27.11
C LYS C 233 1.42 -13.38 -25.60
N LEU C 234 0.31 -13.75 -24.96
CA LEU C 234 0.17 -13.64 -23.52
C LEU C 234 0.52 -14.95 -22.81
N GLY C 235 1.00 -15.92 -23.59
CA GLY C 235 1.46 -17.20 -23.07
C GLY C 235 0.36 -18.13 -22.61
N MET C 236 -0.79 -18.04 -23.27
CA MET C 236 -1.95 -18.86 -22.91
C MET C 236 -2.66 -19.41 -24.16
N ASP C 237 -3.28 -20.59 -24.00
CA ASP C 237 -4.01 -21.24 -25.09
C ASP C 237 -5.49 -20.94 -25.03
N TYR C 238 -6.22 -21.34 -26.08
CA TYR C 238 -7.65 -21.12 -26.17
C TYR C 238 -8.43 -22.12 -25.31
N ASP C 239 -9.33 -21.59 -24.48
CA ASP C 239 -10.22 -22.41 -23.67
C ASP C 239 -11.60 -22.54 -24.33
N GLY C 240 -12.00 -23.79 -24.59
CA GLY C 240 -13.30 -24.07 -25.20
C GLY C 240 -13.24 -24.31 -26.70
N ARG C 241 -14.35 -24.03 -27.38
CA ARG C 241 -14.45 -24.26 -28.82
C ARG C 241 -14.31 -22.95 -29.60
N PRO C 242 -13.24 -22.83 -30.40
CA PRO C 242 -13.02 -21.67 -31.27
C PRO C 242 -14.26 -21.34 -32.13
N ASN C 243 -14.52 -20.04 -32.29
CA ASN C 243 -15.65 -19.51 -33.07
C ASN C 243 -17.04 -19.69 -32.44
N CYS C 244 -17.06 -20.31 -31.26
CA CYS C 244 -18.28 -20.39 -30.46
C CYS C 244 -18.37 -19.10 -29.63
N GLY C 245 -19.37 -18.27 -29.95
CA GLY C 245 -19.53 -16.93 -29.37
C GLY C 245 -19.24 -16.77 -27.89
N LEU C 246 -19.91 -17.58 -27.07
CA LEU C 246 -19.74 -17.56 -25.62
C LEU C 246 -18.30 -17.90 -25.21
N ASP C 247 -17.75 -18.95 -25.80
CA ASP C 247 -16.37 -19.35 -25.53
C ASP C 247 -15.36 -18.29 -26.00
N ASP C 248 -15.63 -17.68 -27.15
CA ASP C 248 -14.82 -16.57 -27.62
C ASP C 248 -14.83 -15.47 -26.57
N SER C 249 -16.04 -15.02 -26.21
CA SER C 249 -16.22 -13.98 -25.19
C SER C 249 -15.44 -14.27 -23.91
N LYS C 250 -15.39 -15.54 -23.53
CA LYS C 250 -14.67 -15.96 -22.32
C LYS C 250 -13.16 -15.79 -22.46
N ASN C 251 -12.62 -16.14 -23.63
CA ASN C 251 -11.21 -15.99 -23.89
C ASN C 251 -10.81 -14.53 -24.06
N ILE C 252 -11.69 -13.75 -24.69
CA ILE C 252 -11.50 -12.30 -24.79
C ILE C 252 -11.43 -11.72 -23.36
N ALA C 253 -12.27 -12.23 -22.47
CA ALA C 253 -12.27 -11.82 -21.05
C ALA C 253 -10.97 -12.17 -20.35
N ARG C 254 -10.38 -13.31 -20.75
CA ARG C 254 -9.08 -13.73 -20.22
C ARG C 254 -7.98 -12.74 -20.59
N ILE C 255 -8.04 -12.22 -21.81
CA ILE C 255 -7.11 -11.18 -22.27
C ILE C 255 -7.35 -9.90 -21.47
N ALA C 256 -8.61 -9.47 -21.39
CA ALA C 256 -8.99 -8.29 -20.63
C ALA C 256 -8.42 -8.30 -19.21
N VAL C 257 -8.62 -9.41 -18.50
CA VAL C 257 -8.10 -9.58 -17.14
C VAL C 257 -6.59 -9.36 -17.12
N ARG C 258 -5.89 -10.12 -17.97
CA ARG C 258 -4.43 -10.04 -18.08
C ARG C 258 -3.95 -8.61 -18.31
N MET C 259 -4.67 -7.90 -19.19
CA MET C 259 -4.36 -6.51 -19.51
C MET C 259 -4.60 -5.60 -18.31
N LEU C 260 -5.73 -5.79 -17.65
CA LEU C 260 -6.07 -5.02 -16.46
C LEU C 260 -5.05 -5.24 -15.35
N GLN C 261 -4.56 -6.48 -15.26
CA GLN C 261 -3.53 -6.86 -14.29
C GLN C 261 -2.21 -6.16 -14.58
N ASP C 262 -1.90 -6.01 -15.86
CA ASP C 262 -0.65 -5.37 -16.29
C ASP C 262 -0.74 -3.85 -16.24
N GLY C 263 -1.89 -3.34 -15.83
CA GLY C 263 -2.07 -1.92 -15.55
C GLY C 263 -2.76 -1.15 -16.65
N CYS C 264 -3.26 -1.84 -17.66
CA CYS C 264 -3.98 -1.20 -18.75
C CYS C 264 -5.38 -0.83 -18.30
N GLU C 265 -5.67 0.46 -18.27
CA GLU C 265 -7.03 0.90 -18.06
C GLU C 265 -7.74 0.84 -19.41
N LEU C 266 -8.51 -0.22 -19.60
CA LEU C 266 -9.26 -0.42 -20.84
C LEU C 266 -10.33 0.64 -20.96
N ARG C 267 -10.16 1.55 -21.92
CA ARG C 267 -11.11 2.63 -22.13
C ARG C 267 -11.79 2.53 -23.49
N ILE C 268 -12.98 3.10 -23.59
CA ILE C 268 -13.72 3.21 -24.84
C ILE C 268 -12.86 3.91 -25.89
N ASN C 269 -12.73 3.28 -27.06
CA ASN C 269 -11.92 3.83 -28.14
C ASN C 269 -12.64 3.89 -29.48
N GLU C 270 -13.89 3.42 -29.51
CA GLU C 270 -14.69 3.37 -30.72
C GLU C 270 -16.15 3.71 -30.46
N LYS C 271 -16.78 4.32 -31.45
CA LYS C 271 -18.21 4.65 -31.39
C LYS C 271 -18.89 4.60 -32.75
N MET C 272 -20.22 4.48 -32.72
CA MET C 272 -21.07 4.66 -33.89
C MET C 272 -21.55 6.11 -33.92
N HIS C 273 -21.82 6.60 -35.13
CA HIS C 273 -22.31 7.96 -35.34
C HIS C 273 -22.73 8.11 -36.79
N ALA C 274 -24.03 8.35 -37.00
CA ALA C 274 -24.62 8.45 -38.34
C ALA C 274 -24.31 7.24 -39.22
N GLY C 275 -24.25 6.06 -38.58
CA GLY C 275 -23.99 4.81 -39.28
C GLY C 275 -22.53 4.55 -39.58
N GLN C 276 -21.66 5.50 -39.23
CA GLN C 276 -20.22 5.36 -39.48
C GLN C 276 -19.43 5.00 -38.22
N LEU C 277 -18.48 4.08 -38.38
CA LEU C 277 -17.55 3.72 -37.32
C LEU C 277 -16.58 4.88 -37.13
N MET C 278 -16.44 5.33 -35.88
CA MET C 278 -15.53 6.41 -35.56
C MET C 278 -14.60 6.03 -34.40
N SER C 279 -13.46 6.73 -34.31
CA SER C 279 -12.51 6.53 -33.24
C SER C 279 -12.80 7.51 -32.11
N VAL C 280 -12.63 7.06 -30.86
CA VAL C 280 -12.85 7.92 -29.69
C VAL C 280 -11.52 8.38 -29.10
N SER C 281 -11.41 9.68 -28.85
CA SER C 281 -10.18 10.29 -28.28
C SER C 281 -9.76 9.61 -26.98
N SER C 282 -8.48 9.30 -26.88
CA SER C 282 -7.92 8.64 -25.70
C SER C 282 -7.74 9.63 -24.56
N SER C 283 -7.45 10.89 -24.91
CA SER C 283 -7.25 11.97 -23.95
C SER C 283 -8.55 12.37 -23.26
N LEU C 284 -9.68 12.04 -23.89
CA LEU C 284 -11.01 12.33 -23.34
C LEU C 284 -11.23 11.58 -22.02
N PRO C 285 -11.81 12.26 -21.00
CA PRO C 285 -12.05 11.66 -19.67
C PRO C 285 -12.86 10.37 -19.73
N ILE C 286 -12.54 9.43 -18.84
CA ILE C 286 -13.14 8.09 -18.84
C ILE C 286 -14.63 8.12 -18.45
N GLU C 287 -15.49 8.13 -19.47
CA GLU C 287 -16.94 8.16 -19.26
C GLU C 287 -17.58 6.81 -19.47
N GLY C 288 -18.56 6.50 -18.61
CA GLY C 288 -19.26 5.23 -18.65
C GLY C 288 -20.46 5.25 -19.56
N THR C 289 -20.88 4.07 -19.97
CA THR C 289 -22.03 3.88 -20.85
C THR C 289 -23.33 4.13 -20.09
N PRO C 290 -24.32 4.76 -20.75
CA PRO C 290 -25.66 4.92 -20.15
C PRO C 290 -26.31 3.59 -19.76
N PRO C 291 -27.23 3.61 -18.79
CA PRO C 291 -27.96 2.39 -18.43
C PRO C 291 -28.79 1.87 -19.61
N PRO C 292 -28.68 0.56 -19.91
CA PRO C 292 -29.33 -0.03 -21.08
C PRO C 292 -30.84 0.17 -21.09
N GLN C 293 -31.39 0.40 -22.27
CA GLN C 293 -32.83 0.50 -22.48
C GLN C 293 -33.23 -0.29 -23.71
N MET C 294 -34.33 -1.02 -23.61
CA MET C 294 -34.85 -1.76 -24.75
C MET C 294 -35.37 -0.77 -25.79
N PRO C 295 -34.71 -0.73 -26.96
CA PRO C 295 -35.12 0.23 -27.97
C PRO C 295 -36.53 -0.01 -28.49
N HIS C 296 -37.18 1.07 -28.95
CA HIS C 296 -38.50 1.02 -29.54
C HIS C 296 -38.41 0.68 -31.03
N PHE C 297 -39.50 0.16 -31.58
CA PHE C 297 -39.58 -0.09 -33.01
C PHE C 297 -39.78 1.22 -33.77
N ARG C 298 -39.27 1.29 -34.99
CA ARG C 298 -39.36 2.50 -35.80
C ARG C 298 -39.92 2.26 -37.19
N ASP D 74 -32.23 -41.93 -15.30
CA ASP D 74 -32.89 -40.60 -15.12
C ASP D 74 -31.88 -39.48 -14.85
N SER D 75 -31.93 -38.45 -15.69
CA SER D 75 -30.93 -37.38 -15.75
C SER D 75 -30.74 -36.61 -14.43
N TYR D 76 -29.52 -36.09 -14.26
CA TYR D 76 -29.14 -35.27 -13.11
C TYR D 76 -29.60 -33.81 -13.27
N TYR D 77 -29.35 -32.98 -12.27
CA TYR D 77 -29.61 -31.53 -12.37
C TYR D 77 -28.63 -30.88 -13.35
N ASP D 78 -29.11 -29.91 -14.12
CA ASP D 78 -28.25 -29.16 -15.04
C ASP D 78 -27.52 -28.04 -14.30
N TYR D 79 -28.17 -27.47 -13.29
CA TYR D 79 -27.58 -26.41 -12.48
C TYR D 79 -27.77 -26.64 -10.98
N ILE D 80 -26.76 -26.27 -10.19
CA ILE D 80 -26.90 -26.19 -8.74
C ILE D 80 -26.82 -24.72 -8.33
N CYS D 81 -27.73 -24.32 -7.44
CA CYS D 81 -27.95 -22.93 -7.13
C CYS D 81 -27.62 -22.65 -5.65
N ILE D 82 -26.35 -22.33 -5.38
CA ILE D 82 -25.87 -22.17 -4.00
C ILE D 82 -26.31 -20.85 -3.37
N ILE D 83 -26.96 -20.94 -2.20
CA ILE D 83 -27.36 -19.76 -1.45
C ILE D 83 -26.86 -19.86 0.00
N ASP D 84 -26.09 -18.86 0.43
CA ASP D 84 -25.69 -18.75 1.83
C ASP D 84 -26.05 -17.39 2.44
N PHE D 85 -27.23 -17.31 3.05
CA PHE D 85 -27.70 -16.08 3.67
C PHE D 85 -26.80 -15.62 4.82
N GLU D 86 -26.69 -14.31 4.97
CA GLU D 86 -26.21 -13.72 6.21
C GLU D 86 -27.41 -13.06 6.86
N ALA D 87 -27.47 -13.16 8.19
CA ALA D 87 -28.61 -12.66 8.94
C ALA D 87 -28.16 -11.82 10.11
N THR D 88 -29.05 -10.94 10.55
CA THR D 88 -28.86 -10.13 11.74
C THR D 88 -28.66 -11.08 12.94
N CYS D 89 -27.83 -10.71 13.92
CA CYS D 89 -27.52 -11.61 15.05
C CYS D 89 -26.91 -10.94 16.28
N GLU D 90 -26.88 -11.67 17.40
CA GLU D 90 -26.21 -11.24 18.63
C GLU D 90 -25.08 -12.20 19.02
N GLU D 91 -24.18 -11.71 19.88
CA GLU D 91 -23.16 -12.52 20.53
C GLU D 91 -23.80 -13.67 21.30
N GLY D 92 -23.27 -14.88 21.12
CA GLY D 92 -23.76 -16.05 21.83
C GLY D 92 -24.85 -16.83 21.12
N ASN D 93 -25.30 -16.31 19.99
CA ASN D 93 -26.34 -16.93 19.15
C ASN D 93 -27.57 -17.44 19.93
N PRO D 94 -28.27 -16.53 20.65
CA PRO D 94 -29.45 -16.93 21.43
C PRO D 94 -30.46 -17.72 20.60
N PRO D 95 -31.09 -18.75 21.19
CA PRO D 95 -31.93 -19.68 20.41
C PRO D 95 -33.19 -19.05 19.80
N GLU D 96 -33.89 -18.23 20.59
CA GLU D 96 -35.20 -17.71 20.21
C GLU D 96 -35.16 -16.46 19.31
N PHE D 97 -33.94 -16.09 18.90
CA PHE D 97 -33.66 -14.87 18.14
C PHE D 97 -34.41 -14.78 16.81
N VAL D 98 -35.01 -13.62 16.55
CA VAL D 98 -35.67 -13.37 15.27
C VAL D 98 -34.66 -12.82 14.26
N HIS D 99 -34.20 -13.70 13.37
CA HIS D 99 -33.20 -13.34 12.38
C HIS D 99 -33.82 -12.63 11.19
N GLU D 100 -33.09 -11.68 10.64
CA GLU D 100 -33.47 -11.02 9.40
C GLU D 100 -32.31 -11.11 8.40
N ILE D 101 -32.62 -11.59 7.19
CA ILE D 101 -31.62 -11.71 6.13
C ILE D 101 -31.04 -10.33 5.83
N ILE D 102 -29.71 -10.25 5.80
CA ILE D 102 -29.01 -9.01 5.50
C ILE D 102 -28.10 -9.14 4.28
N GLU D 103 -27.88 -10.37 3.83
CA GLU D 103 -27.16 -10.63 2.59
C GLU D 103 -27.73 -11.83 1.84
N PHE D 104 -27.97 -11.64 0.54
CA PHE D 104 -28.57 -12.66 -0.31
C PHE D 104 -27.63 -12.98 -1.47
N PRO D 105 -26.61 -13.82 -1.23
CA PRO D 105 -25.76 -14.25 -2.33
C PRO D 105 -26.35 -15.41 -3.12
N VAL D 106 -26.02 -15.48 -4.39
CA VAL D 106 -26.40 -16.60 -5.25
C VAL D 106 -25.20 -16.97 -6.10
N VAL D 107 -24.83 -18.25 -6.10
CA VAL D 107 -23.79 -18.76 -7.00
C VAL D 107 -24.41 -19.86 -7.85
N LEU D 108 -24.37 -19.66 -9.17
CA LEU D 108 -24.96 -20.60 -10.10
C LEU D 108 -23.89 -21.50 -10.69
N LEU D 109 -23.98 -22.79 -10.39
CA LEU D 109 -22.98 -23.75 -10.82
C LEU D 109 -23.54 -24.65 -11.91
N ASN D 110 -22.83 -24.69 -13.04
CA ASN D 110 -23.16 -25.64 -14.11
C ASN D 110 -22.60 -27.02 -13.77
N THR D 111 -23.49 -27.98 -13.58
CA THR D 111 -23.11 -29.34 -13.18
C THR D 111 -22.35 -30.10 -14.26
N HIS D 112 -22.57 -29.72 -15.52
CA HIS D 112 -21.91 -30.40 -16.65
C HIS D 112 -20.45 -29.96 -16.81
N THR D 113 -20.20 -28.66 -16.67
CA THR D 113 -18.86 -28.10 -16.88
C THR D 113 -18.14 -27.78 -15.57
N LEU D 114 -18.85 -27.98 -14.45
CA LEU D 114 -18.34 -27.71 -13.11
C LEU D 114 -17.80 -26.29 -12.93
N GLU D 115 -18.40 -25.35 -13.65
CA GLU D 115 -17.99 -23.96 -13.62
C GLU D 115 -19.10 -23.07 -13.09
N ILE D 116 -18.72 -22.07 -12.31
CA ILE D 116 -19.65 -21.06 -11.79
C ILE D 116 -20.00 -20.09 -12.92
N GLU D 117 -21.27 -20.09 -13.30
CA GLU D 117 -21.73 -19.29 -14.43
C GLU D 117 -22.20 -17.92 -13.99
N ASP D 118 -22.84 -17.88 -12.82
CA ASP D 118 -23.40 -16.63 -12.31
C ASP D 118 -23.11 -16.43 -10.82
N THR D 119 -22.74 -15.20 -10.49
CA THR D 119 -22.48 -14.76 -9.14
C THR D 119 -23.31 -13.51 -8.92
N PHE D 120 -24.09 -13.51 -7.83
CA PHE D 120 -25.02 -12.41 -7.56
C PHE D 120 -25.17 -12.18 -6.07
N GLN D 121 -24.69 -11.02 -5.62
CA GLN D 121 -24.76 -10.67 -4.22
C GLN D 121 -25.54 -9.38 -4.00
N GLN D 122 -26.54 -9.45 -3.14
CA GLN D 122 -27.31 -8.26 -2.76
C GLN D 122 -27.51 -8.20 -1.26
N TYR D 123 -27.23 -7.04 -0.69
CA TYR D 123 -27.48 -6.82 0.73
C TYR D 123 -28.94 -6.52 0.96
N VAL D 124 -29.42 -6.81 2.17
CA VAL D 124 -30.84 -6.67 2.49
C VAL D 124 -31.02 -5.76 3.70
N ARG D 125 -31.89 -4.75 3.55
CA ARG D 125 -32.19 -3.83 4.63
C ARG D 125 -33.27 -4.42 5.53
N PRO D 126 -32.88 -4.83 6.75
CA PRO D 126 -33.86 -5.30 7.72
C PRO D 126 -34.75 -4.16 8.20
N GLU D 127 -36.03 -4.47 8.42
CA GLU D 127 -37.02 -3.47 8.77
C GLU D 127 -37.28 -3.41 10.27
N ILE D 128 -37.27 -4.57 10.93
CA ILE D 128 -37.48 -4.64 12.37
C ILE D 128 -36.21 -4.21 13.12
N ASN D 129 -35.18 -5.05 13.08
CA ASN D 129 -33.91 -4.76 13.73
C ASN D 129 -32.98 -4.04 12.75
N THR D 130 -33.22 -2.74 12.57
CA THR D 130 -32.51 -1.93 11.57
C THR D 130 -31.02 -1.77 11.85
N GLN D 131 -30.67 -1.67 13.13
CA GLN D 131 -29.28 -1.49 13.52
C GLN D 131 -28.61 -2.82 13.81
N LEU D 132 -27.56 -3.11 13.04
CA LEU D 132 -26.73 -4.30 13.25
C LEU D 132 -25.92 -4.13 14.52
N SER D 133 -25.80 -5.22 15.28
CA SER D 133 -25.00 -5.21 16.51
C SER D 133 -23.52 -5.16 16.18
N ASP D 134 -22.73 -4.69 17.14
CA ASP D 134 -21.27 -4.68 17.03
C ASP D 134 -20.75 -6.07 16.66
N PHE D 135 -21.30 -7.09 17.31
CA PHE D 135 -20.98 -8.49 17.04
C PHE D 135 -21.29 -8.89 15.60
N CYS D 136 -22.48 -8.52 15.12
CA CYS D 136 -22.92 -8.86 13.77
C CYS D 136 -22.02 -8.23 12.71
N ILE D 137 -21.68 -6.95 12.90
CA ILE D 137 -20.79 -6.23 12.00
C ILE D 137 -19.42 -6.89 11.91
N SER D 138 -18.88 -7.30 13.06
CA SER D 138 -17.56 -7.95 13.08
C SER D 138 -17.61 -9.34 12.45
N LEU D 139 -18.65 -10.11 12.77
CA LEU D 139 -18.78 -11.49 12.27
C LEU D 139 -18.89 -11.55 10.74
N THR D 140 -19.86 -10.84 10.18
CA THR D 140 -20.13 -10.88 8.75
C THR D 140 -19.26 -9.94 7.93
N GLY D 141 -18.84 -8.84 8.54
CA GLY D 141 -18.08 -7.80 7.85
C GLY D 141 -18.99 -6.80 7.17
N ILE D 142 -20.29 -7.08 7.18
CA ILE D 142 -21.29 -6.18 6.62
C ILE D 142 -21.40 -4.95 7.51
N THR D 143 -21.22 -3.78 6.89
CA THR D 143 -21.29 -2.51 7.61
C THR D 143 -22.73 -2.01 7.68
N GLN D 144 -23.01 -1.13 8.62
CA GLN D 144 -24.34 -0.53 8.76
C GLN D 144 -24.80 0.13 7.46
N ASP D 145 -23.92 0.88 6.83
CA ASP D 145 -24.28 1.67 5.64
C ASP D 145 -24.62 0.80 4.43
N GLN D 146 -23.96 -0.34 4.30
CA GLN D 146 -24.26 -1.31 3.24
C GLN D 146 -25.70 -1.79 3.35
N VAL D 147 -26.20 -1.82 4.57
CA VAL D 147 -27.56 -2.23 4.87
C VAL D 147 -28.56 -1.11 4.58
N ASP D 148 -28.25 0.11 5.04
CA ASP D 148 -29.10 1.28 4.86
C ASP D 148 -29.47 1.51 3.38
N ARG D 149 -28.47 1.49 2.51
CA ARG D 149 -28.68 1.70 1.07
C ARG D 149 -29.26 0.49 0.38
N ALA D 150 -29.42 -0.61 1.10
CA ALA D 150 -29.89 -1.85 0.50
C ALA D 150 -31.41 -1.87 0.36
N ASP D 151 -31.89 -2.61 -0.64
CA ASP D 151 -33.33 -2.85 -0.79
C ASP D 151 -33.87 -3.71 0.34
N THR D 152 -35.18 -3.72 0.51
CA THR D 152 -35.81 -4.63 1.47
C THR D 152 -35.91 -6.00 0.84
N PHE D 153 -36.15 -7.02 1.66
CA PHE D 153 -36.14 -8.41 1.19
C PHE D 153 -36.98 -8.71 -0.05
N PRO D 154 -38.27 -8.32 -0.06
CA PRO D 154 -39.09 -8.67 -1.23
C PRO D 154 -38.49 -8.21 -2.55
N GLN D 155 -37.92 -7.00 -2.55
CA GLN D 155 -37.25 -6.45 -3.73
C GLN D 155 -36.00 -7.24 -4.09
N VAL D 156 -35.26 -7.68 -3.07
CA VAL D 156 -34.05 -8.48 -3.28
C VAL D 156 -34.43 -9.84 -3.87
N LEU D 157 -35.45 -10.46 -3.29
CA LEU D 157 -35.93 -11.77 -3.73
C LEU D 157 -36.42 -11.73 -5.17
N LYS D 158 -37.20 -10.68 -5.50
CA LYS D 158 -37.67 -10.46 -6.86
C LYS D 158 -36.51 -10.44 -7.84
N LYS D 159 -35.43 -9.76 -7.46
CA LYS D 159 -34.24 -9.68 -8.30
C LYS D 159 -33.58 -11.04 -8.49
N VAL D 160 -33.42 -11.79 -7.40
CA VAL D 160 -32.85 -13.14 -7.44
C VAL D 160 -33.68 -14.05 -8.35
N ILE D 161 -35.01 -13.95 -8.24
CA ILE D 161 -35.92 -14.73 -9.09
C ILE D 161 -35.80 -14.31 -10.56
N ASP D 162 -35.71 -13.01 -10.82
CA ASP D 162 -35.48 -12.49 -12.16
C ASP D 162 -34.26 -13.13 -12.83
N LEU D 163 -33.20 -13.32 -12.05
CA LEU D 163 -31.96 -13.92 -12.53
C LEU D 163 -32.23 -15.37 -12.92
N MET D 164 -32.86 -16.11 -12.02
CA MET D 164 -33.14 -17.53 -12.22
C MET D 164 -34.06 -17.75 -13.42
N LYS D 165 -35.04 -16.87 -13.59
CA LYS D 165 -35.89 -16.86 -14.77
C LYS D 165 -35.08 -16.63 -16.04
N LEU D 166 -34.18 -15.65 -16.02
CA LEU D 166 -33.31 -15.35 -17.15
C LEU D 166 -32.43 -16.53 -17.55
N LYS D 167 -31.97 -17.26 -16.53
CA LYS D 167 -31.15 -18.45 -16.74
C LYS D 167 -32.00 -19.68 -17.07
N GLU D 168 -33.32 -19.48 -17.08
CA GLU D 168 -34.30 -20.51 -17.45
C GLU D 168 -34.24 -21.74 -16.55
N LEU D 169 -33.99 -21.51 -15.27
CA LEU D 169 -33.99 -22.58 -14.27
C LEU D 169 -35.42 -23.02 -14.04
N GLY D 170 -35.65 -24.33 -14.12
CA GLY D 170 -36.98 -24.88 -13.90
C GLY D 170 -37.83 -24.98 -15.15
N THR D 171 -37.47 -24.22 -16.18
CA THR D 171 -38.09 -24.35 -17.50
C THR D 171 -37.20 -25.19 -18.42
N LYS D 172 -36.11 -24.60 -18.92
CA LYS D 172 -35.22 -25.30 -19.84
C LYS D 172 -34.23 -26.21 -19.12
N TYR D 173 -33.79 -25.81 -17.93
CA TYR D 173 -32.77 -26.56 -17.19
C TYR D 173 -33.25 -27.06 -15.83
N LYS D 174 -32.91 -28.31 -15.52
CA LYS D 174 -33.21 -28.90 -14.23
C LYS D 174 -32.24 -28.35 -13.18
N TYR D 175 -32.78 -27.92 -12.05
CA TYR D 175 -31.95 -27.28 -11.03
C TYR D 175 -32.32 -27.67 -9.61
N SER D 176 -31.40 -27.38 -8.69
CA SER D 176 -31.63 -27.53 -7.26
C SER D 176 -30.99 -26.36 -6.54
N LEU D 177 -31.52 -26.00 -5.37
CA LEU D 177 -30.84 -25.06 -4.49
C LEU D 177 -29.94 -25.88 -3.58
N LEU D 178 -28.80 -25.31 -3.19
CA LEU D 178 -27.90 -25.97 -2.26
C LEU D 178 -27.43 -25.01 -1.17
N THR D 179 -27.50 -25.46 0.08
CA THR D 179 -27.06 -24.64 1.21
C THR D 179 -26.07 -25.38 2.08
N ASP D 180 -25.24 -24.63 2.78
CA ASP D 180 -24.31 -25.19 3.77
C ASP D 180 -25.04 -25.26 5.10
N GLY D 181 -25.71 -26.39 5.33
CA GLY D 181 -26.60 -26.56 6.48
C GLY D 181 -28.05 -26.51 6.03
N SER D 182 -28.96 -26.33 7.00
CA SER D 182 -30.40 -26.34 6.71
C SER D 182 -31.13 -25.07 7.12
N TRP D 183 -30.47 -24.26 7.94
CA TRP D 183 -31.03 -23.01 8.48
C TRP D 183 -31.38 -22.00 7.40
N ASP D 184 -30.56 -21.94 6.35
CA ASP D 184 -30.73 -20.96 5.28
C ASP D 184 -32.15 -20.93 4.73
N MET D 185 -32.71 -22.11 4.46
CA MET D 185 -34.07 -22.20 3.96
C MET D 185 -35.10 -22.36 5.08
N SER D 186 -34.83 -23.27 6.01
CA SER D 186 -35.81 -23.66 7.03
C SER D 186 -35.93 -22.67 8.18
N LYS D 187 -34.91 -21.86 8.39
CA LYS D 187 -34.94 -20.85 9.45
C LYS D 187 -34.91 -19.43 8.88
N PHE D 188 -33.81 -19.06 8.24
CA PHE D 188 -33.65 -17.69 7.74
C PHE D 188 -34.75 -17.30 6.76
N LEU D 189 -34.76 -17.95 5.59
CA LEU D 189 -35.79 -17.67 4.58
C LEU D 189 -37.20 -17.82 5.16
N ASN D 190 -37.42 -18.89 5.91
CA ASN D 190 -38.72 -19.14 6.51
C ASN D 190 -39.21 -17.97 7.37
N ILE D 191 -38.37 -17.51 8.28
CA ILE D 191 -38.70 -16.39 9.15
C ILE D 191 -38.83 -15.09 8.33
N GLN D 192 -37.81 -14.81 7.52
CA GLN D 192 -37.74 -13.56 6.76
C GLN D 192 -38.97 -13.32 5.87
N CYS D 193 -39.55 -14.40 5.36
CA CYS D 193 -40.78 -14.32 4.59
C CYS D 193 -41.94 -13.80 5.44
N GLN D 194 -42.08 -14.39 6.63
CA GLN D 194 -43.15 -14.01 7.55
C GLN D 194 -43.06 -12.54 7.92
N LEU D 195 -41.83 -12.08 8.18
CA LEU D 195 -41.57 -10.69 8.53
C LEU D 195 -41.83 -9.74 7.37
N SER D 196 -41.60 -10.22 6.15
CA SER D 196 -41.82 -9.41 4.95
C SER D 196 -43.23 -9.57 4.38
N ARG D 197 -44.06 -10.37 5.05
CA ARG D 197 -45.46 -10.61 4.68
C ARG D 197 -45.63 -11.43 3.39
N LEU D 198 -44.65 -12.28 3.11
CA LEU D 198 -44.66 -13.09 1.90
C LEU D 198 -44.98 -14.54 2.22
N LYS D 199 -45.69 -15.20 1.30
CA LYS D 199 -45.83 -16.64 1.35
C LYS D 199 -44.46 -17.25 1.10
N TYR D 200 -44.25 -18.45 1.60
CA TYR D 200 -42.97 -19.12 1.39
C TYR D 200 -42.90 -19.59 -0.05
N PRO D 201 -41.80 -19.23 -0.76
CA PRO D 201 -41.65 -19.57 -2.17
C PRO D 201 -41.68 -21.07 -2.36
N PRO D 202 -42.63 -21.57 -3.18
CA PRO D 202 -42.76 -23.01 -3.41
C PRO D 202 -41.49 -23.65 -3.98
N PHE D 203 -40.71 -22.89 -4.74
CA PHE D 203 -39.48 -23.43 -5.34
C PHE D 203 -38.39 -23.68 -4.30
N ALA D 204 -38.52 -23.09 -3.12
CA ALA D 204 -37.51 -23.22 -2.07
C ALA D 204 -37.88 -24.23 -0.97
N LYS D 205 -38.83 -25.10 -1.26
CA LYS D 205 -39.33 -26.08 -0.29
C LYS D 205 -38.37 -27.26 -0.10
N LYS D 206 -37.57 -27.57 -1.12
CA LYS D 206 -36.53 -28.60 -1.01
C LYS D 206 -35.17 -28.15 -1.55
N TRP D 207 -34.11 -28.71 -0.99
CA TRP D 207 -32.74 -28.28 -1.30
C TRP D 207 -31.70 -29.33 -0.93
N ILE D 208 -30.48 -29.15 -1.44
CA ILE D 208 -29.35 -29.96 -1.03
C ILE D 208 -28.69 -29.33 0.19
N ASN D 209 -28.70 -30.03 1.31
CA ASN D 209 -27.85 -29.68 2.44
C ASN D 209 -26.50 -30.31 2.18
N ILE D 210 -25.51 -29.49 1.89
CA ILE D 210 -24.19 -29.99 1.53
C ILE D 210 -23.44 -30.60 2.71
N ARG D 211 -23.80 -30.21 3.93
CA ARG D 211 -23.25 -30.84 5.13
C ARG D 211 -23.78 -32.24 5.33
N LYS D 212 -25.02 -32.46 4.89
CA LYS D 212 -25.63 -33.79 4.94
C LYS D 212 -25.02 -34.69 3.86
N SER D 213 -24.80 -34.13 2.67
CA SER D 213 -24.16 -34.85 1.57
C SER D 213 -22.72 -35.21 1.93
N TYR D 214 -21.96 -34.19 2.30
CA TYR D 214 -20.57 -34.34 2.70
C TYR D 214 -20.42 -35.35 3.84
N GLY D 215 -21.31 -35.24 4.83
CA GLY D 215 -21.30 -36.14 5.99
C GLY D 215 -21.58 -37.59 5.64
N ASN D 216 -22.43 -37.81 4.64
CA ASN D 216 -22.78 -39.15 4.19
C ASN D 216 -21.79 -39.77 3.20
N PHE D 217 -21.24 -38.93 2.33
CA PHE D 217 -20.30 -39.37 1.31
C PHE D 217 -18.92 -39.66 1.89
N TYR D 218 -18.44 -38.75 2.75
CA TYR D 218 -17.12 -38.87 3.37
C TYR D 218 -17.19 -39.56 4.74
N LYS D 219 -18.41 -39.90 5.15
CA LYS D 219 -18.67 -40.64 6.39
C LYS D 219 -18.03 -39.99 7.63
N VAL D 220 -18.37 -38.73 7.85
CA VAL D 220 -17.93 -38.00 9.05
C VAL D 220 -19.14 -37.56 9.88
N PRO D 221 -18.99 -37.48 11.21
CA PRO D 221 -20.04 -36.91 12.07
C PRO D 221 -20.36 -35.46 11.73
N ARG D 222 -21.50 -34.98 12.24
CA ARG D 222 -21.97 -33.61 12.00
C ARG D 222 -20.97 -32.56 12.50
N SER D 223 -20.33 -32.85 13.62
CA SER D 223 -19.34 -31.98 14.26
C SER D 223 -18.19 -31.56 13.32
N GLN D 224 -17.92 -32.40 12.32
CA GLN D 224 -16.82 -32.19 11.38
C GLN D 224 -17.31 -31.69 10.02
N THR D 225 -18.49 -31.09 9.98
CA THR D 225 -19.05 -30.61 8.70
C THR D 225 -19.17 -29.09 8.61
N LYS D 226 -18.55 -28.36 9.54
CA LYS D 226 -18.45 -26.90 9.44
C LYS D 226 -17.66 -26.51 8.19
N LEU D 227 -18.08 -25.42 7.55
CA LEU D 227 -17.55 -24.98 6.26
C LEU D 227 -16.01 -25.05 6.16
N THR D 228 -15.35 -24.53 7.19
CA THR D 228 -13.90 -24.47 7.23
C THR D 228 -13.23 -25.85 7.37
N ILE D 229 -13.88 -26.75 8.12
CA ILE D 229 -13.36 -28.11 8.31
C ILE D 229 -13.51 -28.94 7.04
N MET D 230 -14.63 -28.78 6.34
CA MET D 230 -14.88 -29.44 5.06
C MET D 230 -13.79 -29.10 4.03
N LEU D 231 -13.40 -27.84 3.98
CA LEU D 231 -12.34 -27.37 3.09
C LEU D 231 -10.99 -28.01 3.41
N GLU D 232 -10.62 -28.01 4.69
CA GLU D 232 -9.33 -28.55 5.15
C GLU D 232 -9.18 -30.04 4.82
N LYS D 233 -10.25 -30.79 5.04
CA LYS D 233 -10.27 -32.23 4.79
C LYS D 233 -10.11 -32.53 3.31
N LEU D 234 -10.47 -31.58 2.46
CA LEU D 234 -10.33 -31.73 1.01
C LEU D 234 -9.13 -30.95 0.47
N GLY D 235 -8.21 -30.60 1.36
CA GLY D 235 -6.95 -29.94 0.99
C GLY D 235 -7.12 -28.52 0.47
N MET D 236 -8.08 -27.78 1.02
CA MET D 236 -8.38 -26.44 0.56
C MET D 236 -8.24 -25.38 1.65
N ASP D 237 -7.89 -24.16 1.23
CA ASP D 237 -7.92 -22.99 2.10
C ASP D 237 -9.09 -22.12 1.69
N TYR D 238 -9.68 -21.43 2.66
CA TYR D 238 -10.82 -20.55 2.40
C TYR D 238 -10.42 -19.37 1.51
N ASP D 239 -11.25 -19.06 0.52
CA ASP D 239 -11.04 -17.93 -0.39
C ASP D 239 -11.83 -16.69 0.03
N GLY D 240 -11.12 -15.67 0.47
CA GLY D 240 -11.73 -14.39 0.83
C GLY D 240 -12.03 -14.22 2.31
N ARG D 241 -13.15 -13.56 2.60
CA ARG D 241 -13.56 -13.26 3.97
C ARG D 241 -14.62 -14.24 4.44
N PRO D 242 -14.32 -15.04 5.48
CA PRO D 242 -15.33 -15.93 6.07
C PRO D 242 -16.54 -15.14 6.58
N ASN D 243 -17.70 -15.79 6.56
CA ASN D 243 -18.98 -15.18 6.97
C ASN D 243 -19.47 -14.00 6.11
N CYS D 244 -18.74 -13.73 5.02
CA CYS D 244 -19.24 -12.89 3.95
C CYS D 244 -20.01 -13.83 3.02
N GLY D 245 -21.31 -13.56 2.85
CA GLY D 245 -22.22 -14.47 2.15
C GLY D 245 -21.70 -15.00 0.82
N LEU D 246 -21.27 -14.09 -0.04
CA LEU D 246 -20.74 -14.44 -1.36
C LEU D 246 -19.55 -15.39 -1.24
N ASP D 247 -18.48 -14.93 -0.58
CA ASP D 247 -17.28 -15.73 -0.33
C ASP D 247 -17.60 -17.10 0.25
N ASP D 248 -18.59 -17.17 1.14
CA ASP D 248 -19.08 -18.44 1.66
C ASP D 248 -19.64 -19.27 0.52
N SER D 249 -20.59 -18.70 -0.23
CA SER D 249 -21.26 -19.41 -1.32
C SER D 249 -20.25 -19.92 -2.34
N LYS D 250 -19.30 -19.05 -2.72
CA LYS D 250 -18.22 -19.42 -3.60
C LYS D 250 -17.43 -20.63 -3.07
N ASN D 251 -17.05 -20.58 -1.79
CA ASN D 251 -16.34 -21.68 -1.13
C ASN D 251 -17.16 -22.96 -1.02
N ILE D 252 -18.46 -22.81 -0.77
CA ILE D 252 -19.38 -23.95 -0.71
C ILE D 252 -19.49 -24.58 -2.10
N ALA D 253 -19.49 -23.73 -3.12
CA ALA D 253 -19.50 -24.19 -4.51
C ALA D 253 -18.24 -24.99 -4.84
N ARG D 254 -17.13 -24.62 -4.20
CA ARG D 254 -15.85 -25.32 -4.38
C ARG D 254 -15.91 -26.73 -3.82
N ILE D 255 -16.62 -26.88 -2.70
CA ILE D 255 -16.87 -28.18 -2.11
C ILE D 255 -17.87 -28.95 -2.97
N ALA D 256 -18.88 -28.25 -3.48
CA ALA D 256 -19.85 -28.82 -4.41
C ALA D 256 -19.20 -29.37 -5.67
N VAL D 257 -18.26 -28.61 -6.23
CA VAL D 257 -17.55 -29.04 -7.44
C VAL D 257 -16.70 -30.29 -7.16
N ARG D 258 -15.88 -30.21 -6.12
CA ARG D 258 -15.02 -31.31 -5.70
C ARG D 258 -15.80 -32.60 -5.42
N MET D 259 -16.95 -32.46 -4.79
CA MET D 259 -17.79 -33.62 -4.46
C MET D 259 -18.42 -34.26 -5.69
N LEU D 260 -18.74 -33.44 -6.69
CA LEU D 260 -19.24 -33.94 -7.96
C LEU D 260 -18.13 -34.65 -8.74
N GLN D 261 -16.91 -34.11 -8.61
CA GLN D 261 -15.72 -34.72 -9.21
C GLN D 261 -15.39 -36.04 -8.54
N ASP D 262 -15.54 -36.08 -7.22
CA ASP D 262 -15.21 -37.26 -6.42
C ASP D 262 -16.14 -38.44 -6.65
N GLY D 263 -17.34 -38.16 -7.15
CA GLY D 263 -18.28 -39.22 -7.51
C GLY D 263 -19.61 -39.16 -6.81
N CYS D 264 -19.79 -38.19 -5.93
CA CYS D 264 -21.06 -38.00 -5.24
C CYS D 264 -22.01 -37.17 -6.09
N GLU D 265 -23.00 -37.82 -6.68
CA GLU D 265 -24.05 -37.10 -7.40
C GLU D 265 -25.03 -36.47 -6.41
N LEU D 266 -24.67 -35.28 -5.94
CA LEU D 266 -25.46 -34.52 -4.96
C LEU D 266 -26.93 -34.46 -5.33
N ARG D 267 -27.80 -34.87 -4.42
CA ARG D 267 -29.24 -34.78 -4.63
C ARG D 267 -29.93 -34.09 -3.47
N ILE D 268 -31.13 -33.55 -3.72
CA ILE D 268 -31.93 -32.94 -2.66
C ILE D 268 -32.12 -33.95 -1.52
N ASN D 269 -31.78 -33.53 -0.31
CA ASN D 269 -31.85 -34.40 0.85
C ASN D 269 -32.60 -33.79 2.03
N GLU D 270 -33.14 -32.59 1.82
CA GLU D 270 -33.94 -31.89 2.84
C GLU D 270 -35.10 -31.12 2.23
N LYS D 271 -36.22 -31.09 2.94
CA LYS D 271 -37.39 -30.32 2.52
C LYS D 271 -38.14 -29.67 3.70
N MET D 272 -39.07 -28.78 3.39
CA MET D 272 -40.02 -28.25 4.36
C MET D 272 -41.43 -28.70 4.01
N HIS D 273 -42.13 -29.20 5.02
CA HIS D 273 -43.52 -29.60 4.85
C HIS D 273 -44.29 -29.17 6.09
N ALA D 274 -45.30 -28.33 5.89
CA ALA D 274 -46.08 -27.73 6.99
C ALA D 274 -45.20 -26.92 7.94
N GLY D 275 -44.19 -26.28 7.39
CA GLY D 275 -43.23 -25.48 8.18
C GLY D 275 -42.31 -26.33 9.04
N GLN D 276 -42.32 -27.64 8.80
CA GLN D 276 -41.53 -28.61 9.54
C GLN D 276 -40.36 -29.13 8.69
N LEU D 277 -39.16 -29.13 9.26
CA LEU D 277 -37.96 -29.58 8.54
C LEU D 277 -37.90 -31.11 8.47
N MET D 278 -37.90 -31.63 7.24
CA MET D 278 -37.91 -33.07 6.98
C MET D 278 -36.79 -33.46 6.01
N SER D 279 -36.47 -34.76 6.02
CA SER D 279 -35.45 -35.31 5.13
C SER D 279 -36.06 -35.81 3.82
N VAL D 280 -35.31 -35.71 2.73
CA VAL D 280 -35.71 -36.28 1.44
C VAL D 280 -34.94 -37.58 1.20
N SER D 281 -35.68 -38.62 0.84
CA SER D 281 -35.13 -39.97 0.70
C SER D 281 -34.09 -40.11 -0.42
N SER D 282 -33.12 -41.00 -0.18
CA SER D 282 -32.01 -41.27 -1.11
C SER D 282 -32.50 -41.94 -2.39
N SER D 283 -33.38 -42.93 -2.21
CA SER D 283 -33.87 -43.76 -3.32
C SER D 283 -34.89 -43.05 -4.23
N LEU D 284 -35.55 -42.02 -3.71
CA LEU D 284 -36.44 -41.17 -4.50
C LEU D 284 -35.69 -40.57 -5.69
N PRO D 285 -36.24 -40.74 -6.91
CA PRO D 285 -35.57 -40.33 -8.16
C PRO D 285 -35.23 -38.84 -8.22
N ILE D 286 -34.22 -38.51 -9.03
CA ILE D 286 -33.72 -37.14 -9.17
C ILE D 286 -34.80 -36.21 -9.76
N GLU D 287 -35.50 -35.52 -8.88
CA GLU D 287 -36.52 -34.55 -9.29
C GLU D 287 -35.99 -33.13 -9.18
N GLY D 288 -36.31 -32.33 -10.19
CA GLY D 288 -35.97 -30.91 -10.20
C GLY D 288 -36.85 -30.08 -9.28
N THR D 289 -36.64 -28.78 -9.32
CA THR D 289 -37.39 -27.85 -8.51
C THR D 289 -38.23 -26.99 -9.46
N PRO D 290 -39.47 -26.68 -9.07
CA PRO D 290 -40.33 -25.86 -9.96
C PRO D 290 -39.67 -24.52 -10.34
N PRO D 291 -39.99 -24.00 -11.54
CA PRO D 291 -39.45 -22.70 -11.93
C PRO D 291 -39.83 -21.64 -10.90
N PRO D 292 -38.86 -20.82 -10.46
CA PRO D 292 -39.11 -19.82 -9.42
C PRO D 292 -40.21 -18.82 -9.77
N GLN D 293 -41.02 -18.49 -8.78
CA GLN D 293 -42.06 -17.46 -8.92
C GLN D 293 -41.94 -16.52 -7.73
N MET D 294 -42.18 -15.23 -7.96
CA MET D 294 -42.23 -14.27 -6.86
C MET D 294 -43.53 -14.51 -6.08
N PRO D 295 -43.41 -14.90 -4.80
CA PRO D 295 -44.59 -15.24 -4.00
C PRO D 295 -45.50 -14.04 -3.77
N HIS D 296 -46.81 -14.30 -3.71
CA HIS D 296 -47.80 -13.28 -3.39
C HIS D 296 -47.75 -12.95 -1.89
N PHE D 297 -48.20 -11.74 -1.55
CA PHE D 297 -48.25 -11.31 -0.16
C PHE D 297 -49.28 -12.11 0.63
N ARG D 298 -49.00 -12.36 1.90
CA ARG D 298 -49.84 -13.22 2.73
C ARG D 298 -51.15 -12.51 3.12
N ASP E 74 44.08 1.22 29.62
CA ASP E 74 43.88 2.00 28.36
C ASP E 74 42.43 1.93 27.89
N SER E 75 41.79 3.09 27.78
CA SER E 75 40.35 3.17 27.47
C SER E 75 40.01 2.83 26.01
N TYR E 76 38.73 2.51 25.78
CA TYR E 76 38.22 2.10 24.48
C TYR E 76 37.80 3.31 23.62
N TYR E 77 37.58 3.08 22.33
CA TYR E 77 37.11 4.13 21.44
C TYR E 77 35.77 4.66 21.94
N ASP E 78 35.62 5.98 21.98
CA ASP E 78 34.37 6.60 22.42
C ASP E 78 33.35 6.59 21.28
N TYR E 79 33.85 6.68 20.05
CA TYR E 79 33.00 6.67 18.85
C TYR E 79 33.53 5.76 17.76
N ILE E 80 32.62 5.23 16.97
CA ILE E 80 32.96 4.48 15.77
C ILE E 80 32.24 5.11 14.58
N CYS E 81 33.00 5.46 13.54
CA CYS E 81 32.41 5.91 12.28
C CYS E 81 32.26 4.75 11.34
N ILE E 82 31.03 4.49 10.93
CA ILE E 82 30.77 3.45 9.94
C ILE E 82 30.65 4.12 8.58
N ILE E 83 31.47 3.68 7.64
CA ILE E 83 31.45 4.21 6.29
C ILE E 83 31.31 3.08 5.29
N ASP E 84 30.26 3.15 4.48
CA ASP E 84 30.08 2.19 3.40
C ASP E 84 29.92 2.93 2.09
N PHE E 85 31.03 3.09 1.36
CA PHE E 85 31.00 3.71 0.05
C PHE E 85 30.17 2.90 -0.93
N GLU E 86 29.45 3.60 -1.80
CA GLU E 86 28.96 3.01 -3.04
C GLU E 86 29.76 3.63 -4.19
N ALA E 87 30.05 2.82 -5.20
CA ALA E 87 30.91 3.24 -6.29
C ALA E 87 30.36 2.80 -7.63
N THR E 88 30.79 3.47 -8.69
CA THR E 88 30.50 3.06 -10.06
C THR E 88 30.94 1.61 -10.24
N CYS E 89 30.22 0.86 -11.08
CA CYS E 89 30.54 -0.56 -11.28
C CYS E 89 29.96 -1.12 -12.58
N GLU E 90 30.23 -2.40 -12.82
CA GLU E 90 29.83 -3.06 -14.04
C GLU E 90 29.57 -4.55 -13.80
N GLU E 91 28.63 -5.12 -14.55
CA GLU E 91 28.31 -6.55 -14.46
C GLU E 91 29.58 -7.41 -14.43
N GLY E 92 29.58 -8.42 -13.57
CA GLY E 92 30.71 -9.33 -13.44
C GLY E 92 31.81 -8.82 -12.53
N ASN E 93 31.75 -7.53 -12.22
CA ASN E 93 32.72 -6.85 -11.35
C ASN E 93 34.19 -7.01 -11.79
N PRO E 94 34.54 -6.56 -13.02
CA PRO E 94 35.91 -6.68 -13.55
C PRO E 94 37.00 -6.26 -12.56
N PRO E 95 38.14 -6.97 -12.54
CA PRO E 95 39.14 -6.74 -11.49
C PRO E 95 39.91 -5.43 -11.62
N GLU E 96 40.11 -4.97 -12.86
CA GLU E 96 40.94 -3.80 -13.12
C GLU E 96 40.13 -2.49 -13.33
N PHE E 97 38.84 -2.57 -13.03
CA PHE E 97 37.90 -1.45 -13.14
C PHE E 97 38.25 -0.30 -12.20
N VAL E 98 38.24 0.92 -12.72
CA VAL E 98 38.54 2.12 -11.94
C VAL E 98 37.26 2.64 -11.26
N HIS E 99 37.08 2.27 -10.00
CA HIS E 99 35.90 2.65 -9.23
C HIS E 99 35.92 4.12 -8.84
N GLU E 100 34.74 4.73 -8.85
CA GLU E 100 34.58 6.10 -8.37
C GLU E 100 33.45 6.13 -7.36
N ILE E 101 33.77 6.61 -6.17
CA ILE E 101 32.79 6.79 -5.10
C ILE E 101 31.62 7.64 -5.60
N ILE E 102 30.41 7.12 -5.41
CA ILE E 102 29.18 7.82 -5.80
C ILE E 102 28.23 8.02 -4.62
N GLU E 103 28.56 7.44 -3.48
CA GLU E 103 27.83 7.71 -2.25
C GLU E 103 28.75 7.66 -1.04
N PHE E 104 28.60 8.65 -0.15
CA PHE E 104 29.43 8.78 1.03
C PHE E 104 28.55 8.85 2.27
N PRO E 105 28.15 7.69 2.81
CA PRO E 105 27.39 7.66 4.04
C PRO E 105 28.29 7.62 5.27
N VAL E 106 27.80 8.13 6.38
CA VAL E 106 28.54 8.14 7.64
C VAL E 106 27.56 7.84 8.77
N VAL E 107 27.95 6.93 9.65
CA VAL E 107 27.13 6.61 10.81
C VAL E 107 28.00 6.70 12.07
N LEU E 108 27.66 7.62 12.96
CA LEU E 108 28.37 7.75 14.22
C LEU E 108 27.71 6.93 15.32
N LEU E 109 28.39 5.87 15.73
CA LEU E 109 27.95 5.04 16.84
C LEU E 109 28.69 5.42 18.12
N ASN E 110 27.91 5.73 19.16
CA ASN E 110 28.42 5.98 20.49
C ASN E 110 28.61 4.64 21.22
N THR E 111 29.86 4.29 21.50
CA THR E 111 30.20 2.97 22.05
C THR E 111 29.74 2.79 23.49
N HIS E 112 29.64 3.90 24.24
CA HIS E 112 29.14 3.86 25.61
C HIS E 112 27.66 3.49 25.65
N THR E 113 26.87 4.13 24.79
CA THR E 113 25.42 4.02 24.83
C THR E 113 24.85 3.12 23.73
N LEU E 114 25.71 2.71 22.80
CA LEU E 114 25.31 1.91 21.64
C LEU E 114 24.16 2.53 20.84
N GLU E 115 24.05 3.85 20.89
CA GLU E 115 23.07 4.61 20.12
C GLU E 115 23.73 5.23 18.91
N ILE E 116 22.99 5.35 17.81
CA ILE E 116 23.47 6.10 16.64
C ILE E 116 23.21 7.58 16.90
N GLU E 117 24.25 8.38 16.85
CA GLU E 117 24.12 9.79 17.20
C GLU E 117 24.06 10.71 15.99
N ASP E 118 24.69 10.29 14.89
CA ASP E 118 24.71 11.05 13.65
C ASP E 118 24.67 10.14 12.43
N THR E 119 23.83 10.49 11.47
CA THR E 119 23.86 9.87 10.15
C THR E 119 23.92 10.93 9.06
N PHE E 120 24.92 10.80 8.18
CA PHE E 120 25.13 11.75 7.11
C PHE E 120 25.27 10.99 5.80
N GLN E 121 24.41 11.31 4.84
CA GLN E 121 24.46 10.71 3.51
C GLN E 121 24.62 11.78 2.45
N GLN E 122 25.61 11.58 1.58
CA GLN E 122 25.82 12.48 0.45
C GLN E 122 26.21 11.69 -0.78
N TYR E 123 25.57 12.04 -1.90
CA TYR E 123 25.91 11.44 -3.19
C TYR E 123 27.09 12.18 -3.81
N VAL E 124 27.94 11.43 -4.50
CA VAL E 124 29.15 11.98 -5.07
C VAL E 124 29.04 11.96 -6.59
N ARG E 125 29.42 13.08 -7.22
CA ARG E 125 29.41 13.20 -8.67
C ARG E 125 30.74 12.74 -9.24
N PRO E 126 30.72 11.61 -9.97
CA PRO E 126 31.94 11.09 -10.60
C PRO E 126 32.31 11.93 -11.81
N GLU E 127 33.60 12.28 -11.91
CA GLU E 127 34.09 13.13 -12.98
C GLU E 127 34.50 12.34 -14.22
N ILE E 128 35.14 11.19 -14.00
CA ILE E 128 35.57 10.32 -15.11
C ILE E 128 34.38 9.62 -15.76
N ASN E 129 33.82 8.63 -15.06
CA ASN E 129 32.58 7.98 -15.48
C ASN E 129 31.36 8.73 -14.99
N THR E 130 30.92 9.72 -15.76
CA THR E 130 29.78 10.55 -15.36
C THR E 130 28.46 9.79 -15.45
N GLN E 131 28.32 8.95 -16.48
CA GLN E 131 27.07 8.23 -16.71
C GLN E 131 27.06 6.84 -16.06
N LEU E 132 26.29 6.70 -14.98
CA LEU E 132 26.14 5.44 -14.27
C LEU E 132 25.55 4.37 -15.17
N SER E 133 26.14 3.17 -15.13
CA SER E 133 25.64 2.04 -15.90
C SER E 133 24.29 1.58 -15.36
N ASP E 134 23.50 0.94 -16.23
CA ASP E 134 22.21 0.37 -15.83
C ASP E 134 22.38 -0.61 -14.65
N PHE E 135 23.47 -1.37 -14.69
CA PHE E 135 23.77 -2.33 -13.63
C PHE E 135 24.04 -1.62 -12.29
N CYS E 136 24.76 -0.51 -12.35
CA CYS E 136 25.04 0.30 -11.16
C CYS E 136 23.76 0.90 -10.56
N ILE E 137 22.89 1.40 -11.43
CA ILE E 137 21.59 1.93 -11.01
C ILE E 137 20.74 0.83 -10.38
N SER E 138 20.75 -0.36 -10.98
CA SER E 138 19.99 -1.50 -10.47
C SER E 138 20.47 -1.98 -9.10
N LEU E 139 21.79 -1.98 -8.90
CA LEU E 139 22.38 -2.53 -7.68
C LEU E 139 22.28 -1.57 -6.50
N THR E 140 22.80 -0.36 -6.67
CA THR E 140 22.91 0.61 -5.58
C THR E 140 21.62 1.39 -5.34
N GLY E 141 20.81 1.53 -6.39
CA GLY E 141 19.57 2.29 -6.32
C GLY E 141 19.76 3.76 -6.58
N ILE E 142 21.02 4.17 -6.73
CA ILE E 142 21.38 5.56 -7.00
C ILE E 142 21.12 5.89 -8.46
N THR E 143 20.33 6.95 -8.69
CA THR E 143 19.94 7.34 -10.03
C THR E 143 20.96 8.30 -10.64
N GLN E 144 20.91 8.45 -11.96
CA GLN E 144 21.76 9.42 -12.64
C GLN E 144 21.52 10.81 -12.08
N ASP E 145 20.26 11.19 -11.96
CA ASP E 145 19.90 12.51 -11.44
C ASP E 145 20.50 12.77 -10.06
N GLN E 146 20.50 11.74 -9.23
CA GLN E 146 21.08 11.81 -7.89
C GLN E 146 22.57 12.19 -7.91
N VAL E 147 23.35 11.58 -8.79
CA VAL E 147 24.79 11.89 -8.87
C VAL E 147 25.08 13.15 -9.68
N ASP E 148 24.15 13.55 -10.55
CA ASP E 148 24.29 14.79 -11.33
C ASP E 148 24.15 16.02 -10.45
N ARG E 149 23.13 16.02 -9.59
CA ARG E 149 22.87 17.14 -8.69
C ARG E 149 23.81 17.10 -7.47
N ALA E 150 24.82 16.23 -7.54
CA ALA E 150 25.73 15.99 -6.42
C ALA E 150 27.02 16.77 -6.53
N ASP E 151 27.65 17.00 -5.38
CA ASP E 151 28.99 17.59 -5.34
C ASP E 151 30.03 16.56 -5.75
N THR E 152 31.23 17.03 -6.06
CA THR E 152 32.36 16.15 -6.37
C THR E 152 32.96 15.63 -5.05
N PHE E 153 33.77 14.59 -5.15
CA PHE E 153 34.35 13.95 -3.97
C PHE E 153 35.05 14.89 -2.97
N PRO E 154 35.90 15.82 -3.44
CA PRO E 154 36.58 16.65 -2.44
C PRO E 154 35.60 17.44 -1.59
N GLN E 155 34.53 17.92 -2.21
CA GLN E 155 33.51 18.71 -1.52
C GLN E 155 32.73 17.86 -0.53
N VAL E 156 32.38 16.64 -0.94
CA VAL E 156 31.71 15.69 -0.08
C VAL E 156 32.60 15.35 1.13
N LEU E 157 33.85 15.00 0.86
CA LEU E 157 34.84 14.69 1.89
C LEU E 157 35.00 15.82 2.89
N LYS E 158 35.15 17.04 2.36
CA LYS E 158 35.22 18.25 3.18
C LYS E 158 34.03 18.33 4.13
N LYS E 159 32.83 18.06 3.60
CA LYS E 159 31.62 18.10 4.40
C LYS E 159 31.61 17.01 5.47
N VAL E 160 32.10 15.82 5.12
CA VAL E 160 32.18 14.71 6.07
C VAL E 160 33.14 15.02 7.23
N ILE E 161 34.31 15.59 6.90
CA ILE E 161 35.27 16.02 7.92
C ILE E 161 34.70 17.14 8.79
N ASP E 162 34.01 18.11 8.18
CA ASP E 162 33.36 19.19 8.93
C ASP E 162 32.37 18.67 9.97
N LEU E 163 31.67 17.59 9.63
CA LEU E 163 30.77 16.92 10.56
C LEU E 163 31.57 16.27 11.68
N MET E 164 32.70 15.66 11.32
CA MET E 164 33.55 14.97 12.27
C MET E 164 34.25 15.94 13.22
N LYS E 165 34.56 17.13 12.72
CA LYS E 165 35.18 18.17 13.53
C LYS E 165 34.19 18.80 14.51
N LEU E 166 32.92 18.90 14.09
CA LEU E 166 31.84 19.38 14.97
C LEU E 166 31.53 18.40 16.09
N LYS E 167 31.72 17.11 15.81
CA LYS E 167 31.56 16.08 16.82
C LYS E 167 32.80 15.96 17.69
N GLU E 168 33.86 16.67 17.30
CA GLU E 168 35.12 16.72 18.04
C GLU E 168 35.82 15.37 18.13
N LEU E 169 35.74 14.60 17.04
CA LEU E 169 36.39 13.31 16.97
C LEU E 169 37.90 13.49 16.84
N GLY E 170 38.65 12.78 17.69
CA GLY E 170 40.10 12.84 17.65
C GLY E 170 40.70 13.92 18.54
N THR E 171 39.87 14.88 18.95
CA THR E 171 40.30 15.93 19.88
C THR E 171 39.70 15.72 21.26
N LYS E 172 38.37 15.74 21.35
CA LYS E 172 37.68 15.44 22.61
C LYS E 172 37.49 13.94 22.77
N TYR E 173 36.98 13.28 21.74
CA TYR E 173 36.66 11.86 21.80
C TYR E 173 37.61 10.98 20.98
N LYS E 174 38.01 9.85 21.57
CA LYS E 174 38.75 8.82 20.86
C LYS E 174 37.79 8.12 19.90
N TYR E 175 38.26 7.87 18.68
CA TYR E 175 37.39 7.26 17.67
C TYR E 175 38.14 6.34 16.70
N SER E 176 37.37 5.55 15.95
CA SER E 176 37.90 4.68 14.92
C SER E 176 37.02 4.72 13.69
N LEU E 177 37.55 4.26 12.57
CA LEU E 177 36.75 4.04 11.38
C LEU E 177 36.41 2.55 11.27
N LEU E 178 35.18 2.25 10.87
CA LEU E 178 34.75 0.88 10.66
C LEU E 178 34.17 0.71 9.27
N THR E 179 34.62 -0.33 8.57
CA THR E 179 34.10 -0.66 7.25
C THR E 179 33.73 -2.14 7.16
N ASP E 180 32.81 -2.45 6.27
CA ASP E 180 32.40 -3.83 6.03
C ASP E 180 33.31 -4.44 4.97
N GLY E 181 34.49 -4.86 5.40
CA GLY E 181 35.52 -5.34 4.48
C GLY E 181 36.64 -4.34 4.38
N SER E 182 37.58 -4.60 3.46
CA SER E 182 38.78 -3.77 3.33
C SER E 182 38.75 -2.80 2.15
N TRP E 183 38.00 -3.14 1.11
CA TRP E 183 37.95 -2.36 -0.13
C TRP E 183 37.52 -0.90 0.07
N ASP E 184 36.52 -0.67 0.90
CA ASP E 184 36.01 0.68 1.16
C ASP E 184 37.13 1.70 1.32
N MET E 185 38.09 1.38 2.18
CA MET E 185 39.18 2.29 2.48
C MET E 185 40.40 2.05 1.59
N SER E 186 40.85 0.80 1.52
CA SER E 186 42.06 0.41 0.78
C SER E 186 41.92 0.50 -0.74
N LYS E 187 40.69 0.46 -1.25
CA LYS E 187 40.45 0.52 -2.70
C LYS E 187 39.70 1.78 -3.09
N PHE E 188 38.45 1.88 -2.63
CA PHE E 188 37.58 2.96 -3.07
C PHE E 188 38.17 4.33 -2.75
N LEU E 189 38.42 4.59 -1.46
CA LEU E 189 39.01 5.85 -1.03
C LEU E 189 40.40 6.06 -1.63
N ASN E 190 41.20 4.98 -1.64
CA ASN E 190 42.54 5.01 -2.20
C ASN E 190 42.57 5.49 -3.65
N ILE E 191 41.72 4.90 -4.47
CA ILE E 191 41.64 5.23 -5.89
C ILE E 191 40.96 6.58 -6.13
N GLN E 192 39.88 6.84 -5.39
CA GLN E 192 39.14 8.09 -5.55
C GLN E 192 39.99 9.32 -5.26
N CYS E 193 40.84 9.22 -4.23
CA CYS E 193 41.72 10.32 -3.85
C CYS E 193 42.72 10.65 -4.95
N GLN E 194 43.19 9.63 -5.66
CA GLN E 194 44.07 9.80 -6.80
C GLN E 194 43.35 10.53 -7.93
N LEU E 195 42.11 10.12 -8.18
CA LEU E 195 41.29 10.71 -9.23
C LEU E 195 40.84 12.11 -8.88
N SER E 196 40.75 12.40 -7.59
CA SER E 196 40.37 13.73 -7.13
C SER E 196 41.60 14.59 -6.87
N ARG E 197 42.77 14.04 -7.16
CA ARG E 197 44.06 14.69 -6.92
C ARG E 197 44.28 15.12 -5.47
N LEU E 198 43.81 14.28 -4.55
CA LEU E 198 43.98 14.52 -3.12
C LEU E 198 44.95 13.53 -2.53
N LYS E 199 45.81 14.01 -1.63
CA LYS E 199 46.65 13.16 -0.81
C LYS E 199 45.73 12.28 0.03
N TYR E 200 46.20 11.09 0.39
CA TYR E 200 45.38 10.20 1.21
C TYR E 200 45.30 10.77 2.63
N PRO E 201 44.08 11.04 3.12
CA PRO E 201 43.91 11.58 4.46
C PRO E 201 44.46 10.63 5.51
N PRO E 202 45.46 11.09 6.28
CA PRO E 202 46.14 10.25 7.29
C PRO E 202 45.18 9.58 8.27
N PHE E 203 44.13 10.28 8.67
CA PHE E 203 43.16 9.73 9.63
C PHE E 203 42.48 8.44 9.14
N ALA E 204 42.48 8.22 7.83
CA ALA E 204 41.79 7.06 7.25
C ALA E 204 42.72 5.90 6.90
N LYS E 205 43.91 5.90 7.50
CA LYS E 205 44.91 4.88 7.18
C LYS E 205 44.79 3.63 8.05
N LYS E 206 44.00 3.72 9.12
CA LYS E 206 43.71 2.58 9.98
C LYS E 206 42.20 2.46 10.15
N TRP E 207 41.71 1.23 10.26
CA TRP E 207 40.27 0.99 10.45
C TRP E 207 39.93 -0.38 11.01
N ILE E 208 38.68 -0.50 11.47
CA ILE E 208 38.09 -1.78 11.82
C ILE E 208 37.41 -2.38 10.60
N ASN E 209 37.92 -3.51 10.14
CA ASN E 209 37.21 -4.35 9.19
C ASN E 209 36.29 -5.24 10.00
N ILE E 210 34.99 -5.02 9.88
CA ILE E 210 34.04 -5.76 10.71
C ILE E 210 33.92 -7.23 10.31
N ARG E 211 34.17 -7.54 9.03
CA ARG E 211 34.21 -8.93 8.57
C ARG E 211 35.35 -9.68 9.23
N LYS E 212 36.50 -9.01 9.36
CA LYS E 212 37.66 -9.58 10.02
C LYS E 212 37.35 -9.86 11.50
N SER E 213 36.75 -8.86 12.16
CA SER E 213 36.34 -8.96 13.56
C SER E 213 35.34 -10.10 13.76
N TYR E 214 34.24 -10.04 13.02
CA TYR E 214 33.18 -11.04 13.02
C TYR E 214 33.74 -12.44 12.81
N GLY E 215 34.58 -12.58 11.79
CA GLY E 215 35.22 -13.85 11.46
C GLY E 215 36.08 -14.37 12.58
N ASN E 216 36.80 -13.46 13.25
CA ASN E 216 37.66 -13.85 14.37
C ASN E 216 36.91 -14.08 15.67
N PHE E 217 35.80 -13.37 15.86
CA PHE E 217 35.02 -13.48 17.09
C PHE E 217 34.00 -14.62 17.09
N TYR E 218 33.38 -14.87 15.93
CA TYR E 218 32.40 -15.95 15.81
C TYR E 218 32.97 -17.22 15.17
N LYS E 219 34.27 -17.20 14.89
CA LYS E 219 35.01 -18.30 14.26
C LYS E 219 34.33 -18.87 13.03
N VAL E 220 34.14 -18.02 12.02
CA VAL E 220 33.61 -18.42 10.72
C VAL E 220 34.59 -18.01 9.60
N PRO E 221 34.63 -18.81 8.51
CA PRO E 221 35.46 -18.45 7.35
C PRO E 221 35.10 -17.09 6.76
N ARG E 222 35.99 -16.55 5.95
CA ARG E 222 35.79 -15.26 5.28
C ARG E 222 34.52 -15.27 4.40
N SER E 223 34.30 -16.40 3.74
CA SER E 223 33.15 -16.59 2.84
C SER E 223 31.80 -16.45 3.55
N GLN E 224 31.81 -16.62 4.87
CA GLN E 224 30.59 -16.57 5.68
C GLN E 224 30.37 -15.21 6.34
N THR E 225 31.13 -14.20 5.92
CA THR E 225 31.09 -12.89 6.56
C THR E 225 30.40 -11.80 5.72
N LYS E 226 29.74 -12.18 4.62
CA LYS E 226 28.98 -11.25 3.80
C LYS E 226 27.82 -10.64 4.60
N LEU E 227 27.57 -9.36 4.39
CA LEU E 227 26.60 -8.58 5.18
C LEU E 227 25.30 -9.30 5.53
N THR E 228 24.68 -9.90 4.52
CA THR E 228 23.45 -10.67 4.70
C THR E 228 23.65 -11.78 5.74
N ILE E 229 24.68 -12.59 5.53
CA ILE E 229 24.96 -13.76 6.36
C ILE E 229 25.19 -13.39 7.82
N MET E 230 25.95 -12.32 8.04
CA MET E 230 26.24 -11.82 9.38
C MET E 230 24.95 -11.53 10.16
N LEU E 231 24.06 -10.77 9.53
CA LEU E 231 22.75 -10.43 10.12
C LEU E 231 21.89 -11.67 10.37
N GLU E 232 21.90 -12.58 9.39
CA GLU E 232 21.17 -13.84 9.45
C GLU E 232 21.59 -14.70 10.64
N LYS E 233 22.90 -14.74 10.90
CA LYS E 233 23.43 -15.54 12.02
C LYS E 233 23.31 -14.82 13.37
N LEU E 234 22.80 -13.60 13.34
CA LEU E 234 22.57 -12.84 14.57
C LEU E 234 21.08 -12.58 14.81
N GLY E 235 20.23 -13.23 14.01
CA GLY E 235 18.78 -13.14 14.17
C GLY E 235 18.18 -11.85 13.64
N MET E 236 18.79 -11.31 12.59
CA MET E 236 18.39 -10.02 12.02
C MET E 236 18.05 -10.11 10.53
N ASP E 237 17.07 -9.33 10.12
CA ASP E 237 16.79 -9.11 8.71
C ASP E 237 17.38 -7.76 8.31
N TYR E 238 17.80 -7.63 7.06
CA TYR E 238 18.30 -6.35 6.55
C TYR E 238 17.24 -5.27 6.73
N ASP E 239 17.69 -4.08 7.12
CA ASP E 239 16.79 -2.99 7.45
C ASP E 239 16.91 -1.86 6.43
N GLY E 240 16.05 -1.90 5.41
CA GLY E 240 16.08 -0.91 4.33
C GLY E 240 16.45 -1.52 2.99
N ARG E 241 16.93 -0.69 2.08
CA ARG E 241 17.28 -1.12 0.73
C ARG E 241 18.74 -1.58 0.67
N PRO E 242 18.96 -2.88 0.36
CA PRO E 242 20.33 -3.39 0.24
C PRO E 242 21.12 -2.63 -0.83
N ASN E 243 22.38 -2.32 -0.49
CA ASN E 243 23.31 -1.59 -1.37
C ASN E 243 23.06 -0.09 -1.53
N CYS E 244 22.11 0.42 -0.75
CA CYS E 244 21.99 1.86 -0.51
C CYS E 244 22.95 2.15 0.63
N GLY E 245 24.10 2.75 0.30
CA GLY E 245 25.21 2.97 1.25
C GLY E 245 24.82 3.29 2.69
N LEU E 246 23.89 4.21 2.85
CA LEU E 246 23.38 4.60 4.18
C LEU E 246 22.73 3.42 4.89
N ASP E 247 21.87 2.68 4.17
CA ASP E 247 21.23 1.49 4.71
C ASP E 247 22.22 0.37 5.09
N ASP E 248 23.26 0.18 4.28
CA ASP E 248 24.30 -0.79 4.63
C ASP E 248 25.02 -0.37 5.90
N SER E 249 25.38 0.92 5.96
CA SER E 249 26.05 1.50 7.13
C SER E 249 25.22 1.30 8.39
N LYS E 250 23.92 1.61 8.29
CA LYS E 250 22.97 1.45 9.40
C LYS E 250 22.86 -0.01 9.84
N ASN E 251 22.95 -0.92 8.89
CA ASN E 251 22.91 -2.35 9.19
C ASN E 251 24.24 -2.88 9.72
N ILE E 252 25.34 -2.36 9.21
CA ILE E 252 26.68 -2.63 9.75
C ILE E 252 26.76 -2.15 11.20
N ALA E 253 26.14 -0.99 11.47
CA ALA E 253 26.05 -0.43 12.82
C ALA E 253 25.34 -1.40 13.78
N ARG E 254 24.31 -2.07 13.27
CA ARG E 254 23.56 -3.06 14.05
C ARG E 254 24.43 -4.26 14.42
N ILE E 255 25.34 -4.60 13.52
CA ILE E 255 26.29 -5.69 13.77
C ILE E 255 27.33 -5.25 14.80
N ALA E 256 27.86 -4.04 14.63
CA ALA E 256 28.83 -3.46 15.55
C ALA E 256 28.26 -3.30 16.95
N VAL E 257 26.96 -2.98 17.04
CA VAL E 257 26.28 -2.90 18.33
C VAL E 257 26.22 -4.30 18.97
N ARG E 258 25.65 -5.26 18.23
CA ARG E 258 25.49 -6.63 18.71
C ARG E 258 26.81 -7.26 19.16
N MET E 259 27.86 -7.04 18.39
CA MET E 259 29.17 -7.54 18.72
C MET E 259 29.72 -6.95 20.02
N LEU E 260 29.49 -5.65 20.22
CA LEU E 260 29.90 -4.99 21.46
C LEU E 260 29.09 -5.50 22.63
N GLN E 261 27.80 -5.73 22.40
CA GLN E 261 26.93 -6.37 23.39
C GLN E 261 27.37 -7.79 23.73
N ASP E 262 27.84 -8.53 22.72
CA ASP E 262 28.30 -9.91 22.89
C ASP E 262 29.63 -10.00 23.65
N GLY E 263 30.39 -8.90 23.64
CA GLY E 263 31.65 -8.85 24.37
C GLY E 263 32.90 -8.64 23.51
N CYS E 264 32.71 -8.52 22.20
CA CYS E 264 33.83 -8.27 21.31
C CYS E 264 34.11 -6.78 21.19
N GLU E 265 35.12 -6.31 21.91
CA GLU E 265 35.54 -4.91 21.81
C GLU E 265 36.33 -4.68 20.52
N LEU E 266 35.61 -4.22 19.50
CA LEU E 266 36.13 -4.03 18.14
C LEU E 266 37.41 -3.20 18.10
N ARG E 267 38.48 -3.81 17.61
CA ARG E 267 39.78 -3.18 17.52
C ARG E 267 40.11 -2.90 16.07
N ILE E 268 40.79 -1.77 15.83
CA ILE E 268 41.42 -1.49 14.54
C ILE E 268 42.35 -2.67 14.19
N ASN E 269 42.05 -3.30 13.05
CA ASN E 269 42.70 -4.54 12.66
C ASN E 269 43.32 -4.51 11.26
N GLU E 270 43.18 -3.38 10.57
CA GLU E 270 43.72 -3.21 9.22
C GLU E 270 44.34 -1.83 9.03
N LYS E 271 45.31 -1.74 8.12
CA LYS E 271 46.01 -0.48 7.86
C LYS E 271 46.51 -0.32 6.42
N MET E 272 46.66 0.94 6.02
CA MET E 272 47.31 1.30 4.76
C MET E 272 48.72 1.83 5.09
N HIS E 273 49.73 1.16 4.56
CA HIS E 273 51.11 1.59 4.72
C HIS E 273 51.84 1.39 3.41
N ALA E 274 52.36 2.49 2.86
CA ALA E 274 52.97 2.53 1.52
C ALA E 274 51.93 2.22 0.43
N GLY E 275 50.66 2.42 0.76
CA GLY E 275 49.56 2.19 -0.17
C GLY E 275 49.16 0.72 -0.33
N GLN E 276 49.82 -0.15 0.44
CA GLN E 276 49.50 -1.58 0.39
C GLN E 276 48.89 -2.07 1.70
N LEU E 277 47.82 -2.85 1.59
CA LEU E 277 46.99 -3.27 2.73
C LEU E 277 47.72 -4.21 3.68
N MET E 278 47.83 -3.79 4.93
CA MET E 278 48.50 -4.59 5.97
C MET E 278 47.58 -4.80 7.15
N SER E 279 47.83 -5.87 7.90
CA SER E 279 47.04 -6.19 9.09
C SER E 279 47.62 -5.50 10.33
N VAL E 280 46.74 -4.98 11.18
CA VAL E 280 47.15 -4.43 12.47
C VAL E 280 47.09 -5.53 13.52
N SER E 281 48.22 -5.74 14.21
CA SER E 281 48.29 -6.72 15.29
C SER E 281 47.30 -6.37 16.41
N SER E 282 46.64 -7.40 16.95
CA SER E 282 45.73 -7.23 18.07
C SER E 282 46.49 -7.19 19.41
N SER E 283 47.78 -7.52 19.35
CA SER E 283 48.69 -7.37 20.50
C SER E 283 49.00 -5.90 20.77
N LEU E 284 48.89 -5.07 19.73
CA LEU E 284 49.13 -3.63 19.83
C LEU E 284 48.04 -2.92 20.63
N PRO E 285 48.41 -1.90 21.42
CA PRO E 285 47.46 -1.17 22.27
C PRO E 285 46.39 -0.42 21.47
N ILE E 286 45.25 -0.18 22.10
CA ILE E 286 44.15 0.59 21.52
C ILE E 286 44.66 2.00 21.27
N GLU E 287 44.72 2.38 19.99
CA GLU E 287 45.21 3.71 19.62
C GLU E 287 44.16 4.48 18.84
N GLY E 288 44.07 5.77 19.13
CA GLY E 288 43.11 6.65 18.49
C GLY E 288 43.47 7.01 17.06
N THR E 289 42.44 7.17 16.24
CA THR E 289 42.57 7.72 14.91
C THR E 289 42.83 9.23 15.06
N PRO E 290 43.81 9.78 14.31
CA PRO E 290 44.08 11.22 14.37
C PRO E 290 42.83 12.07 14.11
N PRO E 291 42.76 13.28 14.69
CA PRO E 291 41.65 14.17 14.35
C PRO E 291 41.66 14.45 12.85
N PRO E 292 40.50 14.33 12.19
CA PRO E 292 40.44 14.39 10.73
C PRO E 292 40.81 15.75 10.18
N GLN E 293 41.46 15.76 9.03
CA GLN E 293 41.85 16.98 8.35
C GLN E 293 41.59 16.78 6.87
N MET E 294 41.18 17.85 6.19
CA MET E 294 41.05 17.81 4.74
C MET E 294 42.43 17.65 4.13
N PRO E 295 42.65 16.53 3.42
CA PRO E 295 43.95 16.33 2.79
C PRO E 295 44.19 17.41 1.74
N HIS E 296 45.45 17.81 1.58
CA HIS E 296 45.80 18.79 0.57
C HIS E 296 45.86 18.15 -0.81
N PHE E 297 45.75 18.97 -1.83
CA PHE E 297 45.87 18.52 -3.22
C PHE E 297 47.26 17.96 -3.49
N ARG E 298 47.31 16.76 -4.06
CA ARG E 298 48.56 16.10 -4.39
C ARG E 298 49.26 16.82 -5.52
N ASP F 10 -1.12 17.15 -15.88
CA ASP F 10 0.14 17.90 -15.61
C ASP F 10 1.32 16.97 -15.28
N PHE F 11 1.81 16.28 -16.30
CA PHE F 11 2.97 15.40 -16.16
C PHE F 11 4.26 16.17 -15.79
N SER F 12 4.11 17.46 -15.51
CA SER F 12 5.22 18.38 -15.18
C SER F 12 5.94 18.04 -13.86
N ASP F 13 5.39 17.09 -13.12
CA ASP F 13 5.99 16.63 -11.87
C ASP F 13 7.32 15.89 -12.15
N PRO F 14 8.37 16.21 -11.37
CA PRO F 14 9.70 15.56 -11.49
C PRO F 14 9.69 14.02 -11.40
N VAL F 15 8.60 13.44 -10.87
CA VAL F 15 8.45 11.98 -10.78
C VAL F 15 8.39 11.33 -12.16
N TYR F 16 7.82 12.05 -13.12
CA TYR F 16 7.61 11.51 -14.46
C TYR F 16 8.91 11.36 -15.27
N LYS F 17 9.84 12.29 -15.10
CA LYS F 17 11.16 12.19 -15.72
C LYS F 17 11.93 10.96 -15.20
N GLU F 18 11.68 10.60 -13.96
CA GLU F 18 12.25 9.40 -13.34
C GLU F 18 11.73 8.15 -14.03
N ILE F 19 10.41 8.10 -14.25
CA ILE F 19 9.75 6.98 -14.90
C ILE F 19 10.24 6.82 -16.35
N ALA F 20 10.44 7.95 -17.05
CA ALA F 20 10.97 7.95 -18.40
C ALA F 20 12.38 7.35 -18.45
N ILE F 21 13.19 7.70 -17.45
CA ILE F 21 14.55 7.16 -17.30
C ILE F 21 14.52 5.65 -17.03
N THR F 22 13.58 5.21 -16.22
CA THR F 22 13.45 3.79 -15.86
C THR F 22 12.88 2.96 -17.02
N ASN F 23 11.91 3.52 -17.73
CA ASN F 23 11.28 2.83 -18.86
C ASN F 23 12.29 2.47 -19.95
N GLY F 24 13.15 3.43 -20.28
CA GLY F 24 14.25 3.22 -21.24
C GLY F 24 15.26 2.20 -20.74
N CYS F 25 15.53 2.25 -19.44
CA CYS F 25 16.38 1.27 -18.75
C CYS F 25 15.79 -0.13 -18.91
N ILE F 26 14.46 -0.22 -18.81
CA ILE F 26 13.74 -1.49 -18.93
C ILE F 26 13.57 -1.91 -20.40
N ASN F 27 13.47 -0.92 -21.29
CA ASN F 27 13.42 -1.18 -22.74
C ASN F 27 14.70 -1.84 -23.26
N ARG F 28 15.81 -1.57 -22.57
CA ARG F 28 17.10 -2.20 -22.86
C ARG F 28 17.21 -3.63 -22.35
N MET F 29 16.44 -3.97 -21.32
CA MET F 29 16.47 -5.30 -20.71
C MET F 29 16.11 -6.41 -21.69
N SER F 30 16.77 -7.56 -21.54
CA SER F 30 16.53 -8.72 -22.38
C SER F 30 15.42 -9.63 -21.83
N LYS F 31 14.87 -10.48 -22.69
CA LYS F 31 13.83 -11.44 -22.30
C LYS F 31 14.14 -12.12 -20.97
N GLU F 32 15.40 -12.52 -20.81
CA GLU F 32 15.86 -13.17 -19.58
C GLU F 32 15.92 -12.23 -18.39
N GLU F 33 16.49 -11.04 -18.60
CA GLU F 33 16.57 -10.02 -17.54
C GLU F 33 15.17 -9.64 -17.07
N LEU F 34 14.24 -9.52 -18.02
CA LEU F 34 12.84 -9.21 -17.72
C LEU F 34 12.18 -10.34 -16.93
N ARG F 35 12.35 -11.58 -17.40
CA ARG F 35 11.83 -12.76 -16.70
C ARG F 35 12.43 -12.91 -15.30
N ALA F 36 13.71 -12.53 -15.16
CA ALA F 36 14.39 -12.56 -13.87
C ALA F 36 13.76 -11.57 -12.89
N LYS F 37 13.85 -10.27 -13.21
CA LYS F 37 13.33 -9.21 -12.35
C LYS F 37 11.82 -9.33 -12.10
N LEU F 38 11.14 -10.10 -12.95
CA LEU F 38 9.70 -10.33 -12.82
C LEU F 38 9.42 -11.40 -11.76
N SER F 39 10.20 -12.48 -11.76
CA SER F 39 10.12 -13.52 -10.74
C SER F 39 10.45 -12.95 -9.36
N GLU F 40 11.35 -11.97 -9.36
CA GLU F 40 11.82 -11.30 -8.16
C GLU F 40 10.72 -10.47 -7.48
N PHE F 41 9.68 -10.11 -8.24
CA PHE F 41 8.55 -9.36 -7.71
C PHE F 41 7.25 -10.18 -7.69
N LYS F 42 7.38 -11.49 -7.89
CA LYS F 42 6.26 -12.44 -7.94
C LYS F 42 5.20 -12.17 -9.02
N LEU F 43 5.52 -11.27 -9.95
CA LEU F 43 4.65 -10.96 -11.08
C LEU F 43 4.72 -12.09 -12.10
N GLU F 44 3.70 -12.17 -12.97
CA GLU F 44 3.62 -13.26 -13.95
C GLU F 44 4.78 -13.17 -14.92
N THR F 45 5.37 -14.32 -15.24
CA THR F 45 6.58 -14.37 -16.08
C THR F 45 6.33 -14.88 -17.50
N ARG F 46 5.20 -15.56 -17.71
CA ARG F 46 4.82 -16.04 -19.03
C ARG F 46 4.48 -14.89 -19.97
N GLY F 47 4.73 -15.10 -21.26
CA GLY F 47 4.39 -14.11 -22.29
C GLY F 47 5.42 -13.97 -23.39
N VAL F 48 5.58 -12.74 -23.86
CA VAL F 48 6.54 -12.38 -24.92
C VAL F 48 7.32 -11.15 -24.47
N LYS F 49 8.47 -10.92 -25.10
CA LYS F 49 9.33 -9.76 -24.84
C LYS F 49 8.55 -8.47 -24.52
N ASP F 50 7.65 -8.08 -25.42
CA ASP F 50 6.94 -6.81 -25.33
C ASP F 50 5.89 -6.79 -24.22
N VAL F 51 5.37 -7.97 -23.88
CA VAL F 51 4.39 -8.13 -22.79
C VAL F 51 5.08 -7.95 -21.43
N LEU F 52 6.12 -8.76 -21.21
CA LEU F 52 6.99 -8.69 -20.05
C LEU F 52 7.57 -7.29 -19.86
N LYS F 53 7.91 -6.65 -20.97
CA LYS F 53 8.45 -5.29 -20.96
C LYS F 53 7.43 -4.29 -20.40
N LYS F 54 6.20 -4.34 -20.89
CA LYS F 54 5.13 -3.43 -20.47
C LYS F 54 4.67 -3.69 -19.03
N ARG F 55 4.65 -4.98 -18.66
CA ARG F 55 4.26 -5.41 -17.32
C ARG F 55 5.21 -4.85 -16.25
N LEU F 56 6.51 -5.03 -16.49
CA LEU F 56 7.55 -4.60 -15.55
C LEU F 56 7.65 -3.08 -15.48
N LYS F 57 7.50 -2.43 -16.64
CA LYS F 57 7.50 -0.96 -16.71
C LYS F 57 6.37 -0.36 -15.88
N ASN F 58 5.20 -0.99 -15.90
CA ASN F 58 4.05 -0.53 -15.11
C ASN F 58 4.19 -0.80 -13.62
N TYR F 59 4.95 -1.85 -13.27
CA TYR F 59 5.22 -2.14 -11.87
C TYR F 59 6.03 -1.00 -11.23
N TYR F 60 7.10 -0.56 -11.91
CA TYR F 60 7.91 0.56 -11.45
C TYR F 60 7.16 1.88 -11.45
N LYS F 61 6.20 2.00 -12.36
CA LYS F 61 5.30 3.17 -12.40
C LYS F 61 4.36 3.16 -11.19
N LYS F 62 3.75 2.00 -10.92
CA LYS F 62 2.87 1.84 -9.75
C LYS F 62 3.62 2.12 -8.46
N GLN F 63 4.84 1.58 -8.35
CA GLN F 63 5.67 1.73 -7.16
C GLN F 63 6.08 3.17 -6.87
N LYS F 64 6.62 3.84 -7.89
CA LYS F 64 7.10 5.22 -7.73
C LYS F 64 6.00 6.20 -7.35
N LEU F 65 4.83 6.06 -7.98
CA LEU F 65 3.67 6.92 -7.72
C LEU F 65 3.02 6.65 -6.35
N MET F 66 3.03 5.40 -5.92
CA MET F 66 2.56 5.02 -4.60
C MET F 66 3.44 5.64 -3.51
N LEU F 67 4.75 5.58 -3.75
CA LEU F 67 5.77 6.05 -2.81
C LEU F 67 5.81 7.57 -2.70
N LYS F 68 5.70 8.27 -3.84
CA LYS F 68 5.78 9.73 -3.84
C LYS F 68 4.55 10.39 -3.21
N GLU F 69 3.40 9.70 -3.24
CA GLU F 69 2.22 10.09 -2.48
C GLU F 69 2.20 9.34 -1.15
N SER F 70 3.22 9.59 -0.33
CA SER F 70 3.30 9.02 1.02
C SER F 70 3.36 10.16 2.04
N ASN F 71 2.18 10.63 2.42
CA ASN F 71 2.04 11.75 3.36
C ASN F 71 1.34 11.37 4.68
N PHE F 72 1.63 10.16 5.19
CA PHE F 72 1.03 9.67 6.43
C PHE F 72 2.12 9.36 7.47
N ALA F 73 1.96 9.94 8.66
CA ALA F 73 2.99 9.94 9.72
C ALA F 73 4.22 10.80 9.34
N ASP F 74 4.08 11.56 8.26
CA ASP F 74 5.10 12.52 7.84
C ASP F 74 4.65 13.96 8.16
N SER F 75 5.61 14.88 8.24
CA SER F 75 5.29 16.30 8.38
C SER F 75 5.61 17.03 7.09
N TYR F 76 5.04 18.23 6.95
CA TYR F 76 5.34 19.09 5.81
C TYR F 76 6.78 19.60 5.90
N TYR F 77 7.26 19.79 7.14
CA TYR F 77 8.69 20.02 7.39
C TYR F 77 9.39 18.69 7.18
N ASP F 78 10.58 18.73 6.60
CA ASP F 78 11.38 17.52 6.40
C ASP F 78 12.15 17.20 7.67
N TYR F 79 12.55 18.24 8.38
CA TYR F 79 13.28 18.11 9.63
C TYR F 79 12.67 18.93 10.73
N ILE F 80 12.76 18.41 11.94
CA ILE F 80 12.40 19.17 13.11
C ILE F 80 13.64 19.23 14.00
N CYS F 81 14.02 20.45 14.36
CA CYS F 81 15.30 20.69 15.00
C CYS F 81 15.09 21.07 16.47
N ILE F 82 15.24 20.09 17.35
CA ILE F 82 14.89 20.26 18.77
C ILE F 82 16.00 20.86 19.63
N ILE F 83 15.72 22.00 20.26
CA ILE F 83 16.66 22.68 21.14
C ILE F 83 16.06 22.86 22.54
N ASP F 84 16.80 22.40 23.55
CA ASP F 84 16.44 22.71 24.94
C ASP F 84 17.62 23.27 25.71
N PHE F 85 17.74 24.59 25.69
CA PHE F 85 18.81 25.29 26.38
C PHE F 85 18.81 24.96 27.86
N GLU F 86 20.01 24.93 28.44
CA GLU F 86 20.17 25.02 29.87
C GLU F 86 20.92 26.31 30.13
N ALA F 87 20.49 27.04 31.14
CA ALA F 87 21.05 28.35 31.47
C ALA F 87 21.44 28.43 32.94
N THR F 88 22.31 29.39 33.26
CA THR F 88 22.71 29.68 34.63
C THR F 88 21.49 30.02 35.46
N CYS F 89 21.42 29.51 36.67
CA CYS F 89 20.30 29.78 37.58
C CYS F 89 20.74 29.81 39.03
N GLU F 90 19.97 30.52 39.84
CA GLU F 90 20.15 30.53 41.28
C GLU F 90 18.98 29.79 41.91
N GLU F 91 19.13 29.34 43.15
CA GLU F 91 18.05 28.63 43.84
C GLU F 91 16.86 29.55 44.12
N GLY F 92 15.65 29.01 43.95
CA GLY F 92 14.43 29.78 44.16
C GLY F 92 14.06 30.64 42.96
N ASN F 93 14.91 30.62 41.94
CA ASN F 93 14.76 31.41 40.72
C ASN F 93 14.43 32.88 40.97
N PRO F 94 15.42 33.66 41.47
CA PRO F 94 15.21 35.08 41.75
C PRO F 94 14.79 35.83 40.48
N PRO F 95 13.91 36.83 40.62
CA PRO F 95 13.27 37.46 39.47
C PRO F 95 14.25 38.22 38.57
N GLU F 96 15.32 38.77 39.16
CA GLU F 96 16.22 39.66 38.44
C GLU F 96 17.62 39.09 38.15
N PHE F 97 17.79 37.78 38.35
CA PHE F 97 19.02 37.12 37.97
C PHE F 97 19.13 37.07 36.46
N VAL F 98 20.28 37.46 35.93
CA VAL F 98 20.51 37.50 34.48
C VAL F 98 20.94 36.13 33.97
N HIS F 99 20.07 35.49 33.20
CA HIS F 99 20.30 34.14 32.71
C HIS F 99 21.28 34.12 31.54
N GLU F 100 22.12 33.09 31.50
CA GLU F 100 23.00 32.85 30.36
C GLU F 100 22.97 31.39 29.97
N ILE F 101 22.78 31.13 28.68
CA ILE F 101 22.82 29.76 28.15
C ILE F 101 24.18 29.13 28.44
N ILE F 102 24.16 27.94 29.02
CA ILE F 102 25.37 27.18 29.33
C ILE F 102 25.41 25.81 28.66
N GLU F 103 24.30 25.44 28.03
CA GLU F 103 24.25 24.23 27.20
C GLU F 103 23.41 24.46 25.96
N PHE F 104 23.99 24.16 24.80
CA PHE F 104 23.27 24.28 23.53
C PHE F 104 23.15 22.92 22.86
N PRO F 105 22.10 22.15 23.20
CA PRO F 105 21.91 20.90 22.52
C PRO F 105 21.05 21.06 21.27
N VAL F 106 21.40 20.32 20.21
CA VAL F 106 20.56 20.23 19.03
C VAL F 106 20.28 18.76 18.77
N VAL F 107 19.01 18.41 18.67
CA VAL F 107 18.60 17.08 18.26
C VAL F 107 17.81 17.24 16.96
N LEU F 108 18.43 16.83 15.87
CA LEU F 108 17.79 16.94 14.56
C LEU F 108 17.02 15.67 14.26
N LEU F 109 15.72 15.84 14.04
CA LEU F 109 14.81 14.74 13.76
C LEU F 109 14.37 14.77 12.31
N ASN F 110 14.62 13.68 11.59
CA ASN F 110 14.06 13.49 10.25
C ASN F 110 12.59 13.10 10.41
N THR F 111 11.73 13.81 9.69
CA THR F 111 10.29 13.73 9.90
C THR F 111 9.64 12.58 9.13
N HIS F 112 10.34 12.03 8.15
CA HIS F 112 9.83 10.94 7.33
C HIS F 112 10.27 9.59 7.89
N THR F 113 11.57 9.49 8.21
CA THR F 113 12.15 8.27 8.75
C THR F 113 11.89 8.16 10.26
N LEU F 114 11.53 9.29 10.87
CA LEU F 114 11.26 9.39 12.31
C LEU F 114 12.45 9.04 13.22
N GLU F 115 13.63 8.99 12.63
CA GLU F 115 14.87 8.73 13.36
C GLU F 115 15.61 10.03 13.64
N ILE F 116 16.34 10.07 14.75
CA ILE F 116 17.22 11.21 15.03
C ILE F 116 18.44 11.09 14.12
N GLU F 117 18.57 12.02 13.19
CA GLU F 117 19.69 12.00 12.25
C GLU F 117 20.95 12.65 12.81
N ASP F 118 20.77 13.59 13.74
CA ASP F 118 21.88 14.32 14.35
C ASP F 118 21.59 14.67 15.80
N THR F 119 22.53 14.36 16.69
CA THR F 119 22.55 14.94 18.03
C THR F 119 23.84 15.72 18.19
N PHE F 120 23.75 16.86 18.85
CA PHE F 120 24.87 17.77 18.97
C PHE F 120 24.80 18.52 20.30
N GLN F 121 25.88 18.48 21.06
CA GLN F 121 25.91 19.13 22.37
C GLN F 121 27.18 19.96 22.57
N GLN F 122 26.98 21.24 22.84
CA GLN F 122 28.08 22.14 23.17
C GLN F 122 27.78 22.83 24.48
N TYR F 123 28.79 22.94 25.34
CA TYR F 123 28.68 23.74 26.54
C TYR F 123 29.14 25.17 26.26
N VAL F 124 28.65 26.10 27.06
CA VAL F 124 28.88 27.52 26.82
C VAL F 124 29.46 28.17 28.07
N ARG F 125 30.53 28.95 27.90
CA ARG F 125 31.12 29.70 29.00
C ARG F 125 30.37 31.01 29.20
N PRO F 126 29.67 31.16 30.34
CA PRO F 126 29.00 32.41 30.64
C PRO F 126 30.03 33.46 30.97
N GLU F 127 29.71 34.72 30.68
CA GLU F 127 30.67 35.81 30.88
C GLU F 127 30.19 36.85 31.88
N ILE F 128 28.93 36.73 32.31
CA ILE F 128 28.37 37.64 33.31
C ILE F 128 28.49 37.01 34.71
N ASN F 129 27.71 35.96 34.94
CA ASN F 129 27.83 35.18 36.18
C ASN F 129 28.63 33.91 35.92
N THR F 130 29.91 34.12 35.58
CA THR F 130 30.81 33.05 35.14
C THR F 130 30.80 31.86 36.09
N GLN F 131 30.74 32.14 37.38
CA GLN F 131 30.72 31.11 38.40
C GLN F 131 29.30 30.57 38.59
N LEU F 132 29.13 29.28 38.28
CA LEU F 132 27.83 28.62 38.43
C LEU F 132 27.43 28.47 39.90
N SER F 133 26.13 28.36 40.15
CA SER F 133 25.63 28.17 41.51
C SER F 133 25.58 26.70 41.90
N ASP F 134 25.64 26.43 43.21
CA ASP F 134 25.49 25.08 43.74
C ASP F 134 24.20 24.44 43.23
N PHE F 135 23.09 25.18 43.30
CA PHE F 135 21.81 24.70 42.79
C PHE F 135 21.89 24.40 41.30
N CYS F 136 22.42 25.35 40.53
CA CYS F 136 22.56 25.20 39.08
C CYS F 136 23.31 23.92 38.70
N ILE F 137 24.46 23.69 39.35
CA ILE F 137 25.26 22.49 39.15
C ILE F 137 24.46 21.24 39.53
N SER F 138 23.72 21.33 40.63
CA SER F 138 22.90 20.21 41.10
C SER F 138 21.75 19.91 40.15
N LEU F 139 21.14 20.95 39.60
CA LEU F 139 19.98 20.80 38.71
C LEU F 139 20.39 20.31 37.30
N THR F 140 21.23 21.08 36.63
CA THR F 140 21.61 20.79 35.24
C THR F 140 22.60 19.64 35.13
N GLY F 141 23.36 19.40 36.20
CA GLY F 141 24.42 18.41 36.21
C GLY F 141 25.59 18.85 35.36
N ILE F 142 25.88 20.15 35.40
CA ILE F 142 26.97 20.73 34.62
C ILE F 142 28.02 21.31 35.56
N THR F 143 29.20 20.70 35.55
CA THR F 143 30.28 21.11 36.44
C THR F 143 30.89 22.43 36.00
N GLN F 144 31.48 23.15 36.96
CA GLN F 144 32.21 24.38 36.69
C GLN F 144 33.33 24.16 35.67
N ASP F 145 34.01 23.01 35.78
CA ASP F 145 35.08 22.61 34.85
C ASP F 145 34.62 22.59 33.39
N GLN F 146 33.38 22.18 33.17
CA GLN F 146 32.82 22.09 31.82
C GLN F 146 32.64 23.46 31.18
N VAL F 147 32.00 24.40 31.88
CA VAL F 147 31.79 25.75 31.35
C VAL F 147 33.11 26.53 31.21
N ASP F 148 34.09 26.19 32.04
CA ASP F 148 35.40 26.84 31.99
C ASP F 148 36.15 26.49 30.71
N ARG F 149 36.06 25.22 30.30
CA ARG F 149 36.70 24.74 29.07
C ARG F 149 35.88 25.13 27.82
N ALA F 150 34.65 25.58 28.05
CA ALA F 150 33.69 25.82 26.97
C ALA F 150 33.93 27.11 26.19
N ASP F 151 33.37 27.18 24.98
CA ASP F 151 33.46 28.37 24.13
C ASP F 151 32.39 29.42 24.45
N THR F 152 32.60 30.63 23.92
CA THR F 152 31.65 31.73 24.07
C THR F 152 30.40 31.41 23.26
N PHE F 153 29.26 31.95 23.69
CA PHE F 153 27.99 31.64 23.04
C PHE F 153 28.01 31.87 21.52
N PRO F 154 28.43 33.06 21.07
CA PRO F 154 28.55 33.27 19.63
C PRO F 154 29.26 32.13 18.91
N GLN F 155 30.42 31.73 19.43
CA GLN F 155 31.20 30.62 18.85
C GLN F 155 30.39 29.33 18.78
N VAL F 156 29.64 29.02 19.84
CA VAL F 156 28.78 27.85 19.90
C VAL F 156 27.64 27.93 18.87
N LEU F 157 26.98 29.09 18.82
CA LEU F 157 25.89 29.33 17.85
C LEU F 157 26.37 29.12 16.42
N LYS F 158 27.54 29.66 16.11
CA LYS F 158 28.18 29.46 14.81
C LYS F 158 28.31 27.96 14.49
N LYS F 159 28.77 27.19 15.47
CA LYS F 159 28.89 25.74 15.33
C LYS F 159 27.54 25.08 15.08
N VAL F 160 26.53 25.47 15.85
CA VAL F 160 25.17 24.97 15.67
C VAL F 160 24.67 25.26 14.25
N ILE F 161 24.92 26.48 13.79
CA ILE F 161 24.54 26.90 12.45
C ILE F 161 25.31 26.09 11.39
N ASP F 162 26.60 25.89 11.62
CA ASP F 162 27.44 25.04 10.75
C ASP F 162 26.84 23.66 10.55
N LEU F 163 26.20 23.13 11.61
CA LEU F 163 25.55 21.82 11.54
C LEU F 163 24.30 21.88 10.69
N MET F 164 23.53 22.95 10.86
CA MET F 164 22.27 23.14 10.15
C MET F 164 22.50 23.35 8.65
N LYS F 165 23.59 24.06 8.35
CA LYS F 165 23.99 24.33 6.97
C LYS F 165 24.46 23.06 6.31
N LEU F 166 25.12 22.21 7.09
CA LEU F 166 25.65 20.94 6.64
C LEU F 166 24.52 19.97 6.31
N LYS F 167 23.45 20.01 7.09
CA LYS F 167 22.29 19.14 6.86
C LYS F 167 21.27 19.78 5.91
N GLU F 168 21.64 20.93 5.35
CA GLU F 168 20.90 21.63 4.28
C GLU F 168 19.52 22.14 4.70
N LEU F 169 19.38 22.51 5.97
CA LEU F 169 18.12 23.01 6.50
C LEU F 169 17.82 24.40 5.95
N GLY F 170 16.61 24.56 5.41
CA GLY F 170 16.16 25.85 4.88
C GLY F 170 16.44 26.04 3.41
N THR F 171 17.50 25.39 2.92
CA THR F 171 17.86 25.43 1.51
C THR F 171 17.23 24.26 0.75
N LYS F 172 17.71 23.04 1.00
CA LYS F 172 17.15 21.84 0.37
C LYS F 172 15.96 21.26 1.13
N TYR F 173 15.93 21.46 2.44
CA TYR F 173 14.91 20.86 3.29
C TYR F 173 14.11 21.87 4.10
N LYS F 174 12.80 21.63 4.18
CA LYS F 174 11.92 22.42 5.04
C LYS F 174 12.05 21.95 6.48
N TYR F 175 12.14 22.90 7.40
CA TYR F 175 12.38 22.58 8.81
C TYR F 175 11.81 23.65 9.73
N SER F 176 11.77 23.34 11.02
CA SER F 176 11.45 24.30 12.07
C SER F 176 12.05 23.88 13.40
N LEU F 177 12.22 24.85 14.28
CA LEU F 177 12.73 24.60 15.61
C LEU F 177 11.59 24.13 16.50
N LEU F 178 11.88 23.17 17.38
CA LEU F 178 10.87 22.69 18.33
C LEU F 178 11.39 22.78 19.74
N THR F 179 10.57 23.37 20.60
CA THR F 179 10.95 23.73 21.95
C THR F 179 9.91 23.26 22.95
N ASP F 180 10.37 22.78 24.10
CA ASP F 180 9.47 22.46 25.21
C ASP F 180 9.20 23.71 26.03
N GLY F 181 8.08 24.35 25.74
CA GLY F 181 7.75 25.65 26.33
C GLY F 181 8.05 26.79 25.37
N SER F 182 8.04 28.02 25.88
CA SER F 182 8.35 29.21 25.09
C SER F 182 9.65 29.82 25.56
N TRP F 183 10.10 29.36 26.72
CA TRP F 183 11.27 29.88 27.41
C TRP F 183 12.57 29.88 26.60
N ASP F 184 12.83 28.78 25.90
CA ASP F 184 14.10 28.62 25.21
C ASP F 184 14.40 29.76 24.24
N MET F 185 13.46 29.99 23.32
CA MET F 185 13.62 31.03 22.33
C MET F 185 13.25 32.43 22.84
N SER F 186 12.06 32.58 23.39
CA SER F 186 11.55 33.90 23.79
C SER F 186 12.21 34.51 25.04
N LYS F 187 13.00 33.72 25.75
CA LYS F 187 13.63 34.17 26.99
C LYS F 187 15.14 33.93 26.97
N PHE F 188 15.56 32.67 26.97
CA PHE F 188 16.99 32.34 27.09
C PHE F 188 17.83 32.88 25.96
N LEU F 189 17.51 32.49 24.73
CA LEU F 189 18.17 33.01 23.53
C LEU F 189 18.00 34.52 23.38
N ASN F 190 16.80 35.00 23.69
CA ASN F 190 16.51 36.43 23.72
C ASN F 190 17.50 37.19 24.59
N ILE F 191 17.57 36.85 25.87
CA ILE F 191 18.49 37.47 26.82
C ILE F 191 19.95 37.25 26.40
N GLN F 192 20.27 36.03 25.95
CA GLN F 192 21.64 35.70 25.59
C GLN F 192 22.14 36.53 24.42
N CYS F 193 21.28 36.74 23.43
CA CYS F 193 21.66 37.52 22.26
C CYS F 193 21.97 38.96 22.62
N GLN F 194 21.15 39.53 23.52
CA GLN F 194 21.40 40.87 24.02
C GLN F 194 22.77 40.93 24.67
N LEU F 195 23.03 39.99 25.56
CA LEU F 195 24.29 39.91 26.30
C LEU F 195 25.49 39.72 25.38
N SER F 196 25.36 38.80 24.42
CA SER F 196 26.43 38.54 23.46
C SER F 196 26.47 39.60 22.37
N ARG F 197 25.57 40.59 22.50
CA ARG F 197 25.41 41.67 21.53
C ARG F 197 25.24 41.16 20.09
N LEU F 198 24.43 40.12 19.93
CA LEU F 198 24.10 39.56 18.63
C LEU F 198 22.67 39.94 18.26
N LYS F 199 22.46 40.30 17.01
CA LYS F 199 21.11 40.48 16.50
C LYS F 199 20.42 39.15 16.63
N TYR F 200 19.18 39.16 17.10
CA TYR F 200 18.41 37.94 17.19
C TYR F 200 18.32 37.29 15.81
N PRO F 201 18.75 36.01 15.70
CA PRO F 201 18.78 35.32 14.41
C PRO F 201 17.38 35.03 13.85
N PRO F 202 17.05 35.59 12.67
CA PRO F 202 15.73 35.43 12.05
C PRO F 202 15.25 33.98 11.95
N PHE F 203 16.17 33.02 11.83
CA PHE F 203 15.77 31.62 11.76
C PHE F 203 15.17 31.11 13.08
N ALA F 204 15.33 31.89 14.16
CA ALA F 204 14.84 31.49 15.46
C ALA F 204 13.70 32.38 15.95
N LYS F 205 13.08 33.11 15.04
CA LYS F 205 11.97 34.00 15.37
C LYS F 205 10.63 33.28 15.46
N LYS F 206 10.50 32.17 14.74
CA LYS F 206 9.33 31.31 14.81
C LYS F 206 9.78 29.93 15.25
N TRP F 207 8.83 29.12 15.74
CA TRP F 207 9.11 27.76 16.21
C TRP F 207 7.86 27.01 16.65
N ILE F 208 8.01 25.71 16.89
CA ILE F 208 6.93 24.91 17.47
C ILE F 208 7.12 24.81 18.97
N ASN F 209 6.07 25.18 19.70
CA ASN F 209 6.00 24.93 21.13
C ASN F 209 5.25 23.63 21.33
N ILE F 210 6.00 22.58 21.67
CA ILE F 210 5.44 21.25 21.83
C ILE F 210 4.35 21.18 22.90
N ARG F 211 4.43 22.06 23.90
CA ARG F 211 3.43 22.14 24.96
C ARG F 211 2.10 22.65 24.42
N LYS F 212 2.15 23.66 23.55
CA LYS F 212 0.97 24.13 22.84
C LYS F 212 0.39 23.00 21.99
N SER F 213 1.27 22.34 21.23
CA SER F 213 0.90 21.26 20.32
C SER F 213 0.29 20.07 21.06
N TYR F 214 0.93 19.66 22.14
CA TYR F 214 0.50 18.54 22.98
C TYR F 214 -0.79 18.88 23.71
N GLY F 215 -0.92 20.14 24.11
CA GLY F 215 -2.07 20.62 24.88
C GLY F 215 -3.40 20.55 24.14
N ASN F 216 -3.41 21.04 22.91
CA ASN F 216 -4.66 21.04 22.12
C ASN F 216 -4.77 19.94 21.07
N PHE F 217 -3.79 19.03 21.06
CA PHE F 217 -3.92 17.78 20.32
C PHE F 217 -4.56 16.73 21.23
N TYR F 218 -3.94 16.50 22.39
CA TYR F 218 -4.42 15.49 23.34
C TYR F 218 -5.45 16.03 24.33
N LYS F 219 -5.90 17.27 24.12
CA LYS F 219 -6.94 17.93 24.94
C LYS F 219 -6.59 17.95 26.43
N VAL F 220 -5.37 18.38 26.74
CA VAL F 220 -4.91 18.46 28.14
C VAL F 220 -4.61 19.90 28.55
N PRO F 221 -4.87 20.24 29.83
CA PRO F 221 -4.62 21.59 30.33
C PRO F 221 -3.13 21.95 30.30
N ARG F 222 -2.84 23.25 30.36
CA ARG F 222 -1.48 23.77 30.27
C ARG F 222 -0.59 23.31 31.43
N SER F 223 -1.18 23.18 32.61
CA SER F 223 -0.47 22.74 33.81
C SER F 223 -0.07 21.26 33.76
N GLN F 224 -0.59 20.53 32.78
CA GLN F 224 -0.28 19.11 32.61
C GLN F 224 0.60 18.83 31.38
N THR F 225 1.18 19.89 30.82
CA THR F 225 2.06 19.74 29.66
C THR F 225 3.53 19.95 30.01
N LYS F 226 3.91 19.62 31.24
CA LYS F 226 5.31 19.63 31.64
C LYS F 226 6.01 18.43 31.01
N LEU F 227 7.34 18.50 30.89
CA LEU F 227 8.11 17.45 30.21
C LEU F 227 7.91 16.05 30.81
N THR F 228 8.12 15.91 32.11
CA THR F 228 7.96 14.62 32.79
C THR F 228 6.53 14.09 32.71
N ILE F 229 5.56 15.00 32.78
CA ILE F 229 4.14 14.64 32.72
C ILE F 229 3.73 14.19 31.32
N MET F 230 4.16 14.92 30.29
CA MET F 230 3.88 14.58 28.90
C MET F 230 4.30 13.16 28.58
N LEU F 231 5.51 12.80 29.02
CA LEU F 231 6.06 11.46 28.81
C LEU F 231 5.28 10.38 29.56
N GLU F 232 5.08 10.62 30.86
CA GLU F 232 4.32 9.71 31.74
C GLU F 232 2.89 9.48 31.21
N LYS F 233 2.39 10.47 30.46
CA LYS F 233 1.06 10.42 29.87
C LYS F 233 1.04 9.62 28.56
N LEU F 234 2.15 9.66 27.83
CA LEU F 234 2.28 8.89 26.58
C LEU F 234 2.73 7.45 26.84
N GLY F 235 2.81 7.09 28.13
CA GLY F 235 3.19 5.74 28.54
C GLY F 235 4.67 5.44 28.37
N MET F 236 5.50 6.43 28.70
CA MET F 236 6.95 6.27 28.64
C MET F 236 7.67 7.00 29.77
N ASP F 237 8.73 6.39 30.28
CA ASP F 237 9.56 6.99 31.32
C ASP F 237 10.64 7.89 30.70
N TYR F 238 11.38 8.61 31.55
CA TYR F 238 12.41 9.52 31.07
C TYR F 238 13.74 8.80 30.79
N ASP F 239 14.28 9.02 29.60
CA ASP F 239 15.56 8.45 29.19
C ASP F 239 16.73 9.37 29.53
N GLY F 240 17.68 8.85 30.31
CA GLY F 240 18.86 9.62 30.69
C GLY F 240 18.60 10.51 31.90
N ARG F 241 19.44 11.54 32.04
CA ARG F 241 19.37 12.44 33.19
C ARG F 241 18.46 13.65 32.95
N PRO F 242 17.40 13.80 33.78
CA PRO F 242 16.51 14.95 33.73
C PRO F 242 17.23 16.28 33.94
N ASN F 243 16.66 17.36 33.38
CA ASN F 243 17.21 18.72 33.48
C ASN F 243 18.55 18.90 32.77
N CYS F 244 18.97 17.88 32.02
CA CYS F 244 20.17 17.94 31.19
C CYS F 244 19.76 18.15 29.75
N GLY F 245 20.15 19.30 29.20
CA GLY F 245 19.73 19.76 27.87
C GLY F 245 19.58 18.69 26.81
N LEU F 246 20.69 18.06 26.45
CA LEU F 246 20.71 17.06 25.38
C LEU F 246 19.70 15.94 25.62
N ASP F 247 19.69 15.41 26.84
CA ASP F 247 18.75 14.36 27.23
C ASP F 247 17.30 14.85 27.23
N ASP F 248 17.10 16.10 27.67
CA ASP F 248 15.79 16.74 27.57
C ASP F 248 15.33 16.75 26.13
N SER F 249 16.15 17.35 25.26
CA SER F 249 15.91 17.42 23.83
C SER F 249 15.56 16.07 23.23
N LYS F 250 16.34 15.05 23.59
CA LYS F 250 16.15 13.69 23.10
C LYS F 250 14.82 13.10 23.53
N ASN F 251 14.43 13.36 24.77
CA ASN F 251 13.13 12.92 25.26
C ASN F 251 11.98 13.73 24.66
N ILE F 252 12.25 15.01 24.39
CA ILE F 252 11.31 15.87 23.68
C ILE F 252 11.05 15.29 22.28
N ALA F 253 12.14 14.87 21.62
CA ALA F 253 12.07 14.26 20.29
C ALA F 253 11.24 12.99 20.29
N ARG F 254 11.24 12.28 21.43
CA ARG F 254 10.44 11.07 21.60
C ARG F 254 8.94 11.38 21.60
N ILE F 255 8.56 12.45 22.30
CA ILE F 255 7.19 12.96 22.28
C ILE F 255 6.81 13.40 20.86
N ALA F 256 7.71 14.16 20.23
CA ALA F 256 7.50 14.67 18.88
C ALA F 256 7.15 13.56 17.89
N VAL F 257 7.85 12.42 18.01
CA VAL F 257 7.65 11.27 17.13
C VAL F 257 6.29 10.64 17.38
N ARG F 258 6.02 10.31 18.64
CA ARG F 258 4.76 9.72 19.08
C ARG F 258 3.56 10.52 18.58
N MET F 259 3.72 11.84 18.52
CA MET F 259 2.67 12.75 18.07
C MET F 259 2.48 12.72 16.55
N LEU F 260 3.58 12.68 15.81
CA LEU F 260 3.54 12.59 14.35
C LEU F 260 2.97 11.24 13.91
N GLN F 261 3.26 10.21 14.70
CA GLN F 261 2.72 8.87 14.49
C GLN F 261 1.22 8.88 14.72
N ASP F 262 0.79 9.53 15.80
CA ASP F 262 -0.62 9.70 16.11
C ASP F 262 -1.31 10.60 15.10
N GLY F 263 -0.52 11.32 14.30
CA GLY F 263 -1.04 12.13 13.20
C GLY F 263 -1.23 13.60 13.52
N CYS F 264 -0.43 14.11 14.45
CA CYS F 264 -0.41 15.54 14.75
C CYS F 264 0.45 16.24 13.72
N GLU F 265 -0.16 17.15 12.97
CA GLU F 265 0.57 17.99 12.03
C GLU F 265 1.30 19.05 12.86
N LEU F 266 2.48 18.70 13.37
CA LEU F 266 3.26 19.62 14.17
C LEU F 266 3.57 20.91 13.39
N ARG F 267 3.00 22.01 13.87
CA ARG F 267 3.03 23.29 13.17
C ARG F 267 3.62 24.37 14.06
N ILE F 268 4.31 25.33 13.43
CA ILE F 268 4.82 26.53 14.10
C ILE F 268 3.65 27.29 14.72
N ASN F 269 3.74 27.52 16.03
CA ASN F 269 2.63 28.10 16.79
C ASN F 269 3.00 29.36 17.57
N GLU F 270 4.29 29.67 17.61
CA GLU F 270 4.81 30.83 18.33
C GLU F 270 5.91 31.52 17.56
N LYS F 271 5.71 32.80 17.30
CA LYS F 271 6.75 33.65 16.72
C LYS F 271 7.20 34.63 17.80
N MET F 272 8.16 35.48 17.45
CA MET F 272 8.55 36.56 18.36
C MET F 272 8.81 37.84 17.57
N HIS F 273 8.10 38.89 17.94
CA HIS F 273 8.08 40.14 17.21
C HIS F 273 8.33 41.32 18.16
N ALA F 274 9.45 42.01 17.93
CA ALA F 274 9.86 43.15 18.76
C ALA F 274 10.04 42.75 20.23
N GLY F 275 10.76 41.65 20.45
CA GLY F 275 11.04 41.13 21.80
C GLY F 275 9.81 40.65 22.54
N GLN F 276 8.67 40.62 21.85
CA GLN F 276 7.40 40.23 22.44
C GLN F 276 6.94 38.88 21.91
N LEU F 277 6.65 37.97 22.82
CA LEU F 277 6.16 36.65 22.46
C LEU F 277 4.71 36.72 22.00
N MET F 278 4.46 36.22 20.79
CA MET F 278 3.13 36.16 20.21
C MET F 278 2.88 34.73 19.75
N SER F 279 1.62 34.41 19.46
CA SER F 279 1.31 33.11 18.89
C SER F 279 1.08 33.23 17.38
N VAL F 280 1.53 32.22 16.64
CA VAL F 280 1.26 32.12 15.21
C VAL F 280 -0.12 31.50 15.00
N SER F 281 -0.91 32.12 14.12
CA SER F 281 -2.27 31.66 13.84
C SER F 281 -2.32 30.21 13.39
N SER F 282 -3.35 29.51 13.83
CA SER F 282 -3.55 28.11 13.47
C SER F 282 -3.96 27.99 12.01
N SER F 283 -4.78 28.94 11.56
CA SER F 283 -5.33 28.95 10.20
C SER F 283 -4.33 29.34 9.11
N LEU F 284 -3.27 30.04 9.49
CA LEU F 284 -2.23 30.46 8.54
C LEU F 284 -1.50 29.27 7.91
N PRO F 285 -1.18 29.35 6.61
CA PRO F 285 -0.49 28.28 5.89
C PRO F 285 0.79 27.83 6.58
N ILE F 286 0.99 26.52 6.64
CA ILE F 286 2.17 25.89 7.24
C ILE F 286 3.43 26.44 6.56
N GLU F 287 4.20 27.24 7.29
CA GLU F 287 5.40 27.87 6.73
C GLU F 287 6.69 27.35 7.35
N GLY F 288 7.75 27.28 6.54
CA GLY F 288 9.05 26.78 6.98
C GLY F 288 10.05 27.85 7.33
N THR F 289 10.88 27.56 8.33
CA THR F 289 11.97 28.43 8.77
C THR F 289 12.94 28.74 7.63
N PRO F 290 13.44 29.99 7.57
CA PRO F 290 14.49 30.34 6.63
C PRO F 290 15.79 29.58 6.91
N PRO F 291 16.71 29.52 5.91
CA PRO F 291 18.03 28.94 6.19
C PRO F 291 18.79 29.75 7.23
N PRO F 292 19.43 29.07 8.20
CA PRO F 292 20.11 29.75 9.30
C PRO F 292 21.33 30.52 8.83
N GLN F 293 21.55 31.68 9.45
CA GLN F 293 22.73 32.50 9.23
C GLN F 293 23.28 32.93 10.58
N MET F 294 24.60 32.91 10.71
CA MET F 294 25.24 33.44 11.91
C MET F 294 24.97 34.94 11.97
N PRO F 295 24.24 35.38 13.03
CA PRO F 295 23.91 36.79 13.16
C PRO F 295 25.14 37.65 13.43
N HIS F 296 25.04 38.93 13.12
CA HIS F 296 26.14 39.87 13.30
C HIS F 296 26.02 40.61 14.63
N PHE F 297 27.09 41.32 15.00
CA PHE F 297 27.11 42.07 16.25
C PHE F 297 26.34 43.40 16.13
N ARG F 298 25.89 43.91 17.28
CA ARG F 298 25.04 45.11 17.35
C ARG F 298 25.82 46.35 17.74
#